data_5D57
#
_entry.id   5D57
#
_cell.length_a   75.320
_cell.length_b   91.340
_cell.length_c   143.360
_cell.angle_alpha   90.00
_cell.angle_beta   90.00
_cell.angle_gamma   90.00
#
_symmetry.space_group_name_H-M   'P 21 21 21'
#
loop_
_entity.id
_entity.type
_entity.pdbx_description
1 polymer 'Diacylglycerol kinase'
2 non-polymer (2S)-2,3-DIHYDROXYPROPYL(7Z)-PENTADEC-7-ENOATE
3 water water
#
_entity_poly.entity_id   1
_entity_poly.type   'polypeptide(L)'
_entity_poly.pdbx_seq_one_letter_code
;GHHHHHHELANNTTGFTRIIKAAGYSWKGLRAAWINEAAFRQEGVAVLLCVVIAAWLDVDAVTRVLLISSVMLVMIVELL
NSAIEAVVDRIGSEYHELSGRAKDLGSAAVLIAIIDAVITWAILLWSHFG
;
_entity_poly.pdbx_strand_id   A,B,C,D,E,F
#
loop_
_chem_comp.id
_chem_comp.type
_chem_comp.name
_chem_comp.formula
78M non-polymer (2S)-2,3-DIHYDROXYPROPYL(7Z)-PENTADEC-7-ENOATE 'C18 H34 O4'
#
# COMPACT_ATOMS: atom_id res chain seq x y z
N GLY A 15 14.93 13.26 10.38
CA GLY A 15 14.48 14.51 10.95
C GLY A 15 14.45 15.63 9.92
N PHE A 16 14.12 16.84 10.37
CA PHE A 16 14.07 18.00 9.49
C PHE A 16 15.46 18.42 9.07
N THR A 17 16.44 18.20 9.93
CA THR A 17 17.81 18.64 9.67
C THR A 17 18.59 17.63 8.83
N ARG A 18 18.09 16.40 8.75
CA ARG A 18 18.68 15.38 7.89
C ARG A 18 18.44 15.75 6.44
N ILE A 19 17.33 16.43 6.19
CA ILE A 19 16.88 16.75 4.84
C ILE A 19 17.71 17.88 4.27
N ILE A 20 17.92 18.91 5.08
CA ILE A 20 18.71 20.06 4.69
C ILE A 20 20.13 19.63 4.32
N LYS A 21 20.66 18.68 5.09
CA LYS A 21 22.01 18.18 4.88
C LYS A 21 22.08 17.31 3.63
N ALA A 22 21.05 16.50 3.42
CA ALA A 22 20.99 15.63 2.25
C ALA A 22 20.62 16.38 0.98
N ALA A 23 19.80 17.42 1.11
CA ALA A 23 19.45 18.25 -0.03
C ALA A 23 20.65 19.08 -0.49
N GLY A 24 21.60 19.27 0.42
CA GLY A 24 22.81 20.04 0.13
C GLY A 24 23.83 19.26 -0.68
N TYR A 25 23.98 17.98 -0.37
CA TYR A 25 24.84 17.09 -1.15
C TYR A 25 24.28 16.95 -2.56
N SER A 26 22.95 16.84 -2.67
CA SER A 26 22.28 16.70 -3.96
C SER A 26 22.60 17.87 -4.86
N TRP A 27 22.54 19.08 -4.31
CA TRP A 27 22.81 20.27 -5.11
C TRP A 27 24.27 20.30 -5.58
N LYS A 28 25.19 19.88 -4.72
CA LYS A 28 26.59 19.79 -5.11
C LYS A 28 26.78 18.76 -6.22
N GLY A 29 26.06 17.65 -6.10
CA GLY A 29 26.08 16.63 -7.13
C GLY A 29 25.63 17.16 -8.48
N LEU A 30 24.44 17.78 -8.52
CA LEU A 30 23.90 18.32 -9.76
C LEU A 30 24.79 19.42 -10.31
N ARG A 31 25.27 20.29 -9.43
CA ARG A 31 26.13 21.39 -9.82
C ARG A 31 27.45 20.92 -10.43
N ALA A 32 28.16 20.04 -9.71
CA ALA A 32 29.43 19.53 -10.19
C ALA A 32 29.26 18.75 -11.50
N ALA A 33 28.18 17.99 -11.59
CA ALA A 33 27.89 17.24 -12.81
C ALA A 33 27.65 18.20 -13.97
N TRP A 34 26.90 19.27 -13.68
CA TRP A 34 26.63 20.31 -14.67
C TRP A 34 27.91 21.02 -15.10
N ILE A 35 28.65 21.55 -14.14
CA ILE A 35 29.83 22.35 -14.42
C ILE A 35 30.91 21.59 -15.21
N ASN A 36 31.09 20.30 -14.90
CA ASN A 36 32.24 19.55 -15.40
C ASN A 36 32.12 18.97 -16.82
N GLU A 37 30.90 18.82 -17.33
CA GLU A 37 30.75 18.26 -18.68
C GLU A 37 29.64 18.91 -19.48
N ALA A 38 29.97 19.31 -20.70
CA ALA A 38 29.00 19.84 -21.63
C ALA A 38 27.95 18.81 -22.01
N ALA A 39 28.36 17.55 -22.08
CA ALA A 39 27.43 16.48 -22.43
C ALA A 39 26.33 16.37 -21.39
N PHE A 40 26.69 16.63 -20.14
CA PHE A 40 25.72 16.54 -19.05
C PHE A 40 24.75 17.70 -19.09
N ARG A 41 25.28 18.90 -19.33
CA ARG A 41 24.47 20.09 -19.46
C ARG A 41 23.45 19.94 -20.58
N GLN A 42 23.92 19.45 -21.72
CA GLN A 42 23.05 19.28 -22.88
C GLN A 42 22.03 18.17 -22.63
N GLU A 43 22.40 17.24 -21.76
CA GLU A 43 21.49 16.17 -21.38
C GLU A 43 20.38 16.70 -20.50
N GLY A 44 20.75 17.53 -19.53
CA GLY A 44 19.78 18.14 -18.64
C GLY A 44 18.82 19.05 -19.38
N VAL A 45 19.30 19.71 -20.42
CA VAL A 45 18.45 20.56 -21.23
C VAL A 45 17.44 19.70 -21.99
N ALA A 46 17.94 18.63 -22.61
CA ALA A 46 17.08 17.69 -23.33
C ALA A 46 16.01 17.09 -22.42
N VAL A 47 16.39 16.82 -21.17
CA VAL A 47 15.45 16.28 -20.19
C VAL A 47 14.43 17.35 -19.81
N LEU A 48 14.92 18.54 -19.49
CA LEU A 48 14.06 19.65 -19.13
C LEU A 48 13.03 19.98 -20.22
N LEU A 49 13.46 20.02 -21.48
CA LEU A 49 12.54 20.28 -22.58
C LEU A 49 11.45 19.22 -22.61
N CYS A 50 11.87 17.97 -22.59
CA CYS A 50 10.95 16.83 -22.64
C CYS A 50 9.86 16.89 -21.58
N VAL A 51 10.21 17.38 -20.39
CA VAL A 51 9.21 17.52 -19.34
C VAL A 51 8.23 18.64 -19.68
N VAL A 52 8.78 19.80 -20.04
CA VAL A 52 7.97 20.95 -20.46
C VAL A 52 7.00 20.56 -21.57
N ILE A 53 7.50 19.85 -22.57
CA ILE A 53 6.64 19.33 -23.64
C ILE A 53 5.57 18.40 -23.10
N ALA A 54 5.98 17.48 -22.23
CA ALA A 54 5.06 16.51 -21.65
C ALA A 54 3.98 17.21 -20.83
N ALA A 55 4.36 18.29 -20.16
CA ALA A 55 3.42 19.00 -19.30
C ALA A 55 2.32 19.73 -20.08
N TRP A 56 2.61 20.11 -21.32
CA TRP A 56 1.70 20.92 -22.11
C TRP A 56 0.86 20.11 -23.10
N LEU A 57 1.33 18.92 -23.44
CA LEU A 57 0.60 18.02 -24.31
C LEU A 57 -0.81 17.71 -23.80
N ASP A 58 -1.72 17.46 -24.73
CA ASP A 58 -3.07 17.09 -24.35
C ASP A 58 -3.20 15.58 -24.31
N VAL A 59 -2.72 14.99 -23.21
CA VAL A 59 -2.75 13.55 -22.99
C VAL A 59 -3.40 13.24 -21.65
N ASP A 60 -3.73 11.98 -21.39
CA ASP A 60 -4.27 11.59 -20.09
C ASP A 60 -3.17 11.62 -19.04
N ALA A 61 -3.53 11.45 -17.78
CA ALA A 61 -2.57 11.57 -16.69
C ALA A 61 -1.49 10.49 -16.72
N VAL A 62 -1.86 9.27 -17.11
CA VAL A 62 -0.90 8.17 -17.13
C VAL A 62 0.16 8.34 -18.23
N THR A 63 -0.25 8.84 -19.39
CA THR A 63 0.68 9.07 -20.48
C THR A 63 1.64 10.19 -20.11
N ARG A 64 1.10 11.25 -19.51
CA ARG A 64 1.88 12.37 -19.05
C ARG A 64 2.98 11.92 -18.09
N VAL A 65 2.59 11.08 -17.12
CA VAL A 65 3.54 10.59 -16.12
C VAL A 65 4.60 9.73 -16.78
N LEU A 66 4.17 8.85 -17.69
CA LEU A 66 5.10 8.00 -18.44
C LEU A 66 6.15 8.81 -19.21
N LEU A 67 5.71 9.88 -19.86
CA LEU A 67 6.62 10.70 -20.65
C LEU A 67 7.61 11.43 -19.73
N ILE A 68 7.12 11.85 -18.57
CA ILE A 68 7.95 12.53 -17.60
C ILE A 68 8.85 11.54 -16.86
N SER A 69 8.25 10.47 -16.36
CA SER A 69 8.95 9.48 -15.53
C SER A 69 10.16 8.88 -16.23
N SER A 70 10.02 8.60 -17.52
CA SER A 70 11.08 7.92 -18.26
C SER A 70 12.34 8.77 -18.41
N VAL A 71 12.19 10.02 -18.84
CA VAL A 71 13.35 10.88 -19.04
C VAL A 71 14.00 11.20 -17.68
N MET A 72 13.20 11.21 -16.63
CA MET A 72 13.71 11.35 -15.28
C MET A 72 14.63 10.18 -14.92
N LEU A 73 14.20 8.97 -15.32
CA LEU A 73 14.98 7.77 -15.04
C LEU A 73 16.35 7.86 -15.70
N VAL A 74 16.39 8.45 -16.89
CA VAL A 74 17.65 8.67 -17.61
C VAL A 74 18.60 9.50 -16.76
N MET A 75 18.07 10.57 -16.18
CA MET A 75 18.84 11.45 -15.29
C MET A 75 19.30 10.71 -14.03
N ILE A 76 18.39 9.90 -13.46
CA ILE A 76 18.69 9.12 -12.27
C ILE A 76 19.84 8.15 -12.51
N VAL A 77 19.73 7.36 -13.58
CA VAL A 77 20.76 6.38 -13.92
C VAL A 77 22.07 7.08 -14.29
N GLU A 78 21.97 8.18 -15.01
CA GLU A 78 23.14 9.00 -15.33
C GLU A 78 23.89 9.41 -14.07
N LEU A 79 23.15 9.88 -13.07
CA LEU A 79 23.77 10.37 -11.85
C LEU A 79 24.39 9.22 -11.06
N LEU A 80 23.65 8.13 -10.90
CA LEU A 80 24.16 6.94 -10.21
C LEU A 80 25.42 6.39 -10.87
N ASN A 81 25.43 6.38 -12.20
CA ASN A 81 26.60 5.92 -12.95
C ASN A 81 27.79 6.86 -12.75
N SER A 82 27.52 8.15 -12.77
CA SER A 82 28.56 9.16 -12.58
C SER A 82 29.17 8.99 -11.20
N ALA A 83 28.36 8.61 -10.23
CA ALA A 83 28.85 8.37 -8.88
C ALA A 83 29.80 7.17 -8.88
N ILE A 84 29.36 6.08 -9.49
CA ILE A 84 30.19 4.87 -9.61
C ILE A 84 31.51 5.16 -10.33
N GLU A 85 31.46 5.97 -11.38
CA GLU A 85 32.67 6.35 -12.11
C GLU A 85 33.64 7.10 -11.20
N ALA A 86 33.10 7.90 -10.30
CA ALA A 86 33.90 8.71 -9.39
C ALA A 86 34.61 7.83 -8.38
N VAL A 87 34.06 6.65 -8.13
CA VAL A 87 34.65 5.71 -7.18
C VAL A 87 35.88 5.04 -7.79
N VAL A 88 35.77 4.61 -9.04
CA VAL A 88 36.85 3.88 -9.67
C VAL A 88 38.00 4.81 -10.05
N ASP A 89 37.70 6.09 -10.20
CA ASP A 89 38.72 7.09 -10.46
C ASP A 89 39.44 7.43 -9.16
N ARG A 90 38.69 7.39 -8.07
CA ARG A 90 39.23 7.58 -6.73
C ARG A 90 40.27 6.53 -6.38
N ILE A 91 40.00 5.28 -6.75
CA ILE A 91 40.86 4.16 -6.41
C ILE A 91 42.24 4.31 -7.07
N GLY A 92 42.26 4.87 -8.28
CA GLY A 92 43.52 5.13 -8.95
C GLY A 92 43.73 4.28 -10.18
N SER A 93 44.94 4.35 -10.73
CA SER A 93 45.26 3.73 -12.01
C SER A 93 45.52 2.22 -11.96
N GLU A 94 46.20 1.76 -10.91
CA GLU A 94 46.70 0.38 -10.82
C GLU A 94 45.66 -0.70 -11.11
N TYR A 95 44.53 -0.65 -10.41
CA TYR A 95 43.49 -1.68 -10.49
C TYR A 95 42.62 -1.52 -11.74
N HIS A 96 43.09 -0.72 -12.70
CA HIS A 96 42.28 -0.20 -13.80
C HIS A 96 41.31 -1.15 -14.50
N GLU A 97 41.69 -2.40 -14.70
CA GLU A 97 40.94 -3.27 -15.61
C GLU A 97 39.54 -3.61 -15.09
N LEU A 98 39.40 -3.85 -13.78
CA LEU A 98 38.07 -4.09 -13.22
C LEU A 98 37.36 -2.77 -12.96
N SER A 99 38.12 -1.68 -13.01
CA SER A 99 37.54 -0.34 -12.99
C SER A 99 36.91 -0.13 -14.37
N GLY A 100 37.51 -0.77 -15.38
CA GLY A 100 37.01 -0.71 -16.74
C GLY A 100 35.71 -1.46 -16.92
N ARG A 101 35.57 -2.58 -16.22
CA ARG A 101 34.37 -3.39 -16.32
C ARG A 101 33.20 -2.71 -15.59
N ALA A 102 33.50 -2.09 -14.46
CA ALA A 102 32.51 -1.37 -13.69
C ALA A 102 31.94 -0.22 -14.49
N LYS A 103 32.82 0.45 -15.23
CA LYS A 103 32.43 1.57 -16.07
C LYS A 103 31.62 1.09 -17.28
N ASP A 104 32.00 -0.06 -17.83
CA ASP A 104 31.27 -0.65 -18.94
C ASP A 104 29.86 -1.07 -18.52
N LEU A 105 29.74 -1.66 -17.33
CA LEU A 105 28.44 -2.08 -16.82
C LEU A 105 27.52 -0.88 -16.60
N GLY A 106 28.05 0.13 -15.92
CA GLY A 106 27.29 1.33 -15.62
C GLY A 106 26.88 2.11 -16.87
N SER A 107 27.73 2.08 -17.88
CA SER A 107 27.44 2.78 -19.12
C SER A 107 26.33 2.06 -19.87
N ALA A 108 26.25 0.75 -19.71
CA ALA A 108 25.17 -0.02 -20.29
C ALA A 108 23.84 0.39 -19.68
N ALA A 109 23.83 0.58 -18.37
CA ALA A 109 22.62 0.99 -17.65
C ALA A 109 22.12 2.35 -18.14
N VAL A 110 23.05 3.27 -18.36
CA VAL A 110 22.71 4.59 -18.88
C VAL A 110 22.15 4.49 -20.28
N LEU A 111 22.81 3.73 -21.15
CA LEU A 111 22.36 3.64 -22.53
C LEU A 111 21.02 2.90 -22.66
N ILE A 112 20.81 1.89 -21.81
CA ILE A 112 19.53 1.20 -21.81
C ILE A 112 18.41 2.15 -21.43
N ALA A 113 18.64 2.92 -20.38
CA ALA A 113 17.63 3.86 -19.90
C ALA A 113 17.27 4.89 -20.96
N ILE A 114 18.26 5.35 -21.72
CA ILE A 114 18.02 6.32 -22.78
C ILE A 114 17.21 5.69 -23.91
N ILE A 115 17.54 4.45 -24.27
CA ILE A 115 16.80 3.71 -25.28
C ILE A 115 15.33 3.58 -24.89
N ASP A 116 15.08 3.17 -23.65
CA ASP A 116 13.72 3.05 -23.14
C ASP A 116 12.96 4.37 -23.22
N ALA A 117 13.64 5.47 -22.90
CA ALA A 117 13.02 6.79 -22.97
C ALA A 117 12.66 7.14 -24.41
N VAL A 118 13.55 6.84 -25.33
CA VAL A 118 13.36 7.17 -26.74
C VAL A 118 12.18 6.38 -27.30
N ILE A 119 12.18 5.08 -27.02
CA ILE A 119 11.10 4.19 -27.44
C ILE A 119 9.74 4.61 -26.85
N THR A 120 9.73 4.85 -25.54
CA THR A 120 8.51 5.25 -24.83
C THR A 120 7.85 6.46 -25.47
N TRP A 121 8.63 7.51 -25.70
CA TRP A 121 8.14 8.73 -26.31
C TRP A 121 7.61 8.46 -27.71
N ALA A 122 8.30 7.59 -28.45
CA ALA A 122 7.90 7.26 -29.81
C ALA A 122 6.52 6.61 -29.82
N ILE A 123 6.38 5.52 -29.07
CA ILE A 123 5.13 4.76 -29.01
C ILE A 123 3.95 5.61 -28.55
N LEU A 124 4.15 6.38 -27.48
CA LEU A 124 3.08 7.16 -26.90
C LEU A 124 2.65 8.35 -27.76
N LEU A 125 3.63 9.08 -28.30
CA LEU A 125 3.31 10.20 -29.17
C LEU A 125 2.75 9.71 -30.49
N TRP A 126 3.07 8.47 -30.86
CA TRP A 126 2.50 7.86 -32.04
C TRP A 126 1.01 7.62 -31.85
N SER A 127 0.67 6.93 -30.76
CA SER A 127 -0.71 6.56 -30.48
C SER A 127 -1.63 7.77 -30.33
N HIS A 128 -1.08 8.89 -29.86
CA HIS A 128 -1.86 10.11 -29.67
C HIS A 128 -2.03 10.88 -30.98
N PHE A 129 -0.92 11.36 -31.54
CA PHE A 129 -0.97 12.16 -32.76
C PHE A 129 -1.37 11.33 -33.98
N GLY A 130 -1.32 10.01 -33.86
CA GLY A 130 -1.70 9.13 -34.94
C GLY A 130 -3.02 8.43 -34.69
N ALA B 32 20.85 -8.20 4.74
CA ALA B 32 21.28 -8.88 5.96
C ALA B 32 21.58 -7.88 7.07
N ALA B 33 20.53 -7.52 7.81
CA ALA B 33 20.61 -6.66 9.00
C ALA B 33 21.18 -5.27 8.71
N TRP B 34 20.74 -4.67 7.61
CA TRP B 34 20.97 -3.26 7.32
C TRP B 34 19.68 -2.48 7.56
N ILE B 35 18.59 -3.24 7.66
CA ILE B 35 17.24 -2.69 7.82
C ILE B 35 17.00 -2.25 9.27
N ASN B 36 18.04 -2.32 10.09
CA ASN B 36 17.90 -1.97 11.50
C ASN B 36 18.53 -0.63 11.85
N GLU B 37 18.69 0.24 10.85
CA GLU B 37 19.18 1.60 11.08
C GLU B 37 18.05 2.61 10.90
N ALA B 38 18.07 3.67 11.70
CA ALA B 38 16.96 4.61 11.80
C ALA B 38 16.57 5.24 10.46
N ALA B 39 17.55 5.81 9.77
CA ALA B 39 17.32 6.48 8.50
C ALA B 39 16.70 5.56 7.46
N PHE B 40 17.12 4.30 7.44
CA PHE B 40 16.59 3.33 6.49
C PHE B 40 15.17 2.92 6.87
N ARG B 41 14.91 2.87 8.17
CA ARG B 41 13.60 2.50 8.67
C ARG B 41 12.56 3.55 8.33
N GLN B 42 12.94 4.82 8.51
CA GLN B 42 12.04 5.93 8.19
C GLN B 42 11.82 6.03 6.68
N GLU B 43 12.87 5.75 5.91
CA GLU B 43 12.75 5.73 4.46
C GLU B 43 11.90 4.57 4.01
N GLY B 44 12.16 3.40 4.59
CA GLY B 44 11.39 2.20 4.29
C GLY B 44 9.93 2.38 4.63
N VAL B 45 9.66 2.87 5.83
CA VAL B 45 8.29 2.98 6.31
C VAL B 45 7.51 4.03 5.52
N ALA B 46 8.22 5.03 4.98
CA ALA B 46 7.58 6.05 4.17
C ALA B 46 7.13 5.44 2.85
N VAL B 47 8.05 4.76 2.19
CA VAL B 47 7.76 4.06 0.95
C VAL B 47 6.69 2.99 1.18
N LEU B 48 6.90 2.19 2.22
CA LEU B 48 5.97 1.13 2.58
C LEU B 48 4.54 1.65 2.78
N LEU B 49 4.44 2.80 3.44
CA LEU B 49 3.14 3.40 3.73
C LEU B 49 2.40 3.79 2.45
N CYS B 50 3.15 4.31 1.48
CA CYS B 50 2.57 4.75 0.21
C CYS B 50 2.02 3.57 -0.58
N VAL B 51 2.73 2.45 -0.56
CA VAL B 51 2.31 1.25 -1.26
C VAL B 51 0.98 0.74 -0.72
N VAL B 52 0.82 0.81 0.60
CA VAL B 52 -0.43 0.41 1.24
C VAL B 52 -1.55 1.35 0.81
N ILE B 53 -1.27 2.65 0.85
CA ILE B 53 -2.24 3.65 0.43
C ILE B 53 -2.65 3.40 -1.02
N ALA B 54 -1.66 3.24 -1.90
CA ALA B 54 -1.91 3.02 -3.32
C ALA B 54 -2.71 1.72 -3.55
N ALA B 55 -2.57 0.78 -2.63
CA ALA B 55 -3.26 -0.49 -2.75
C ALA B 55 -4.75 -0.37 -2.38
N TRP B 56 -5.10 0.70 -1.68
CA TRP B 56 -6.49 0.89 -1.23
C TRP B 56 -7.27 1.91 -2.05
N LEU B 57 -6.57 2.86 -2.65
CA LEU B 57 -7.21 3.91 -3.44
C LEU B 57 -8.08 3.32 -4.55
N ASP B 58 -9.17 4.00 -4.87
CA ASP B 58 -10.01 3.59 -5.98
C ASP B 58 -9.51 4.23 -7.27
N VAL B 59 -8.45 3.65 -7.83
CA VAL B 59 -7.88 4.09 -9.09
C VAL B 59 -7.85 2.93 -10.06
N ASP B 60 -7.60 3.20 -11.35
CA ASP B 60 -7.51 2.11 -12.31
C ASP B 60 -6.10 1.50 -12.27
N ALA B 61 -5.94 0.37 -12.96
CA ALA B 61 -4.71 -0.43 -12.87
C ALA B 61 -3.45 0.34 -13.24
N VAL B 62 -3.48 1.08 -14.34
CA VAL B 62 -2.31 1.79 -14.82
C VAL B 62 -1.86 2.85 -13.81
N THR B 63 -2.82 3.52 -13.18
CA THR B 63 -2.50 4.53 -12.18
C THR B 63 -1.91 3.88 -10.93
N ARG B 64 -2.50 2.76 -10.51
CA ARG B 64 -2.05 2.05 -9.32
C ARG B 64 -0.61 1.55 -9.48
N VAL B 65 -0.31 0.98 -10.64
CA VAL B 65 1.04 0.54 -10.95
C VAL B 65 2.03 1.71 -10.87
N LEU B 66 1.65 2.86 -11.42
CA LEU B 66 2.53 4.02 -11.44
C LEU B 66 2.72 4.63 -10.04
N LEU B 67 1.64 4.71 -9.26
CA LEU B 67 1.72 5.17 -7.88
C LEU B 67 2.71 4.34 -7.07
N ILE B 68 2.69 3.03 -7.28
CA ILE B 68 3.55 2.12 -6.56
C ILE B 68 4.98 2.16 -7.11
N SER B 69 5.11 2.19 -8.43
CA SER B 69 6.43 2.19 -9.06
C SER B 69 7.26 3.41 -8.65
N SER B 70 6.62 4.55 -8.54
CA SER B 70 7.32 5.78 -8.26
C SER B 70 7.96 5.78 -6.86
N VAL B 71 7.29 5.16 -5.90
CA VAL B 71 7.81 5.15 -4.54
C VAL B 71 8.79 3.99 -4.33
N MET B 72 8.66 2.94 -5.14
CA MET B 72 9.58 1.81 -5.05
C MET B 72 10.93 2.15 -5.66
N LEU B 73 10.90 2.99 -6.71
CA LEU B 73 12.10 3.49 -7.34
C LEU B 73 12.94 4.32 -6.37
N VAL B 74 12.27 5.11 -5.54
CA VAL B 74 12.94 5.92 -4.53
C VAL B 74 13.71 5.01 -3.59
N MET B 75 13.07 3.90 -3.20
CA MET B 75 13.71 2.95 -2.29
C MET B 75 14.86 2.24 -2.99
N ILE B 76 14.67 1.93 -4.26
CA ILE B 76 15.72 1.32 -5.07
C ILE B 76 16.95 2.23 -5.15
N VAL B 77 16.73 3.47 -5.61
CA VAL B 77 17.80 4.43 -5.80
C VAL B 77 18.52 4.72 -4.47
N GLU B 78 17.77 4.82 -3.39
CA GLU B 78 18.37 5.08 -2.09
CA GLU B 78 18.36 5.07 -2.09
C GLU B 78 19.25 3.90 -1.66
N LEU B 79 18.81 2.69 -1.98
CA LEU B 79 19.61 1.51 -1.66
C LEU B 79 20.91 1.53 -2.47
N LEU B 80 20.83 1.98 -3.73
CA LEU B 80 22.02 2.07 -4.57
C LEU B 80 22.94 3.20 -4.11
N ASN B 81 22.34 4.30 -3.68
CA ASN B 81 23.10 5.42 -3.15
C ASN B 81 23.88 5.02 -1.90
N SER B 82 23.20 4.32 -0.99
CA SER B 82 23.84 3.85 0.23
C SER B 82 24.92 2.82 -0.09
N ALA B 83 24.66 1.98 -1.09
CA ALA B 83 25.64 0.99 -1.53
C ALA B 83 26.90 1.66 -2.08
N ILE B 84 26.73 2.77 -2.79
CA ILE B 84 27.87 3.51 -3.31
C ILE B 84 28.66 4.12 -2.16
N GLU B 85 27.92 4.69 -1.22
CA GLU B 85 28.51 5.31 -0.04
C GLU B 85 29.32 4.30 0.77
N ALA B 86 28.86 3.06 0.80
CA ALA B 86 29.55 2.02 1.54
C ALA B 86 30.92 1.72 0.92
N VAL B 87 30.98 1.76 -0.40
CA VAL B 87 32.20 1.47 -1.13
C VAL B 87 33.25 2.54 -0.85
N VAL B 88 32.81 3.79 -0.83
CA VAL B 88 33.70 4.91 -0.59
C VAL B 88 34.28 4.86 0.83
N ASP B 89 33.42 4.65 1.82
CA ASP B 89 33.86 4.59 3.21
C ASP B 89 34.77 3.38 3.45
N ARG B 90 34.55 2.34 2.65
CA ARG B 90 35.39 1.14 2.66
C ARG B 90 36.85 1.47 2.34
N ILE B 91 37.05 2.41 1.42
CA ILE B 91 38.39 2.77 0.98
C ILE B 91 39.19 3.45 2.09
N GLY B 92 38.53 4.32 2.86
CA GLY B 92 39.19 4.96 3.98
C GLY B 92 38.49 6.19 4.50
N SER B 93 39.05 6.76 5.57
CA SER B 93 38.52 7.97 6.17
C SER B 93 39.25 9.20 5.66
N GLU B 94 40.42 9.00 5.06
CA GLU B 94 41.15 10.08 4.41
C GLU B 94 40.31 10.62 3.26
N TYR B 95 40.15 11.94 3.21
CA TYR B 95 39.24 12.54 2.24
C TYR B 95 39.89 12.80 0.88
N HIS B 96 39.13 12.53 -0.17
CA HIS B 96 39.53 12.75 -1.55
C HIS B 96 38.37 13.45 -2.25
N GLU B 97 38.65 14.28 -3.24
CA GLU B 97 37.60 15.07 -3.89
C GLU B 97 36.55 14.18 -4.54
N LEU B 98 37.00 13.08 -5.14
CA LEU B 98 36.10 12.18 -5.83
C LEU B 98 35.28 11.35 -4.84
N SER B 99 35.81 11.19 -3.63
CA SER B 99 35.05 10.49 -2.59
C SER B 99 33.79 11.26 -2.22
N GLY B 100 33.93 12.57 -2.07
CA GLY B 100 32.78 13.41 -1.78
C GLY B 100 31.85 13.56 -2.97
N ARG B 101 32.41 13.54 -4.18
CA ARG B 101 31.61 13.75 -5.38
C ARG B 101 30.74 12.54 -5.68
N ALA B 102 31.25 11.35 -5.41
CA ALA B 102 30.47 10.14 -5.60
C ALA B 102 29.25 10.12 -4.69
N LYS B 103 29.39 10.67 -3.49
CA LYS B 103 28.29 10.75 -2.56
C LYS B 103 27.30 11.85 -2.96
N ASP B 104 27.83 12.94 -3.50
CA ASP B 104 26.98 14.04 -3.96
C ASP B 104 26.13 13.62 -5.16
N LEU B 105 26.73 12.87 -6.07
CA LEU B 105 26.03 12.38 -7.25
C LEU B 105 24.98 11.34 -6.89
N GLY B 106 25.28 10.53 -5.88
CA GLY B 106 24.34 9.53 -5.39
C GLY B 106 23.13 10.18 -4.74
N SER B 107 23.38 11.26 -4.00
CA SER B 107 22.31 12.00 -3.35
C SER B 107 21.45 12.71 -4.40
N ALA B 108 22.09 13.24 -5.43
CA ALA B 108 21.38 13.92 -6.51
C ALA B 108 20.44 12.94 -7.21
N ALA B 109 20.86 11.68 -7.34
CA ALA B 109 20.02 10.67 -7.96
C ALA B 109 18.76 10.41 -7.12
N VAL B 110 18.93 10.39 -5.80
CA VAL B 110 17.79 10.18 -4.92
C VAL B 110 16.82 11.35 -5.00
N LEU B 111 17.37 12.56 -4.97
CA LEU B 111 16.56 13.77 -5.06
C LEU B 111 15.69 13.75 -6.32
N ILE B 112 16.29 13.40 -7.46
CA ILE B 112 15.55 13.35 -8.71
C ILE B 112 14.48 12.27 -8.64
N ALA B 113 14.79 11.15 -7.99
CA ALA B 113 13.82 10.08 -7.80
C ALA B 113 12.64 10.52 -6.94
N ILE B 114 12.93 11.26 -5.86
CA ILE B 114 11.89 11.72 -4.96
C ILE B 114 10.98 12.71 -5.69
N ILE B 115 11.58 13.63 -6.44
CA ILE B 115 10.82 14.57 -7.24
C ILE B 115 9.91 13.84 -8.25
N ASP B 116 10.44 12.81 -8.89
CA ASP B 116 9.66 12.02 -9.84
C ASP B 116 8.46 11.33 -9.17
N ALA B 117 8.65 10.97 -7.91
CA ALA B 117 7.59 10.33 -7.14
C ALA B 117 6.50 11.32 -6.75
N VAL B 118 6.89 12.52 -6.29
CA VAL B 118 5.95 13.56 -5.91
C VAL B 118 5.14 14.02 -7.12
N ILE B 119 5.83 14.21 -8.24
CA ILE B 119 5.18 14.61 -9.47
C ILE B 119 4.19 13.53 -9.94
N THR B 120 4.59 12.27 -9.84
CA THR B 120 3.74 11.18 -10.27
C THR B 120 2.42 11.18 -9.50
N TRP B 121 2.53 11.26 -8.18
CA TRP B 121 1.34 11.27 -7.34
C TRP B 121 0.56 12.56 -7.52
N ALA B 122 1.26 13.65 -7.82
CA ALA B 122 0.61 14.94 -8.06
C ALA B 122 -0.27 14.87 -9.29
N ILE B 123 0.29 14.40 -10.40
CA ILE B 123 -0.42 14.39 -11.67
C ILE B 123 -1.58 13.39 -11.65
N LEU B 124 -1.36 12.26 -11.01
CA LEU B 124 -2.34 11.17 -11.02
C LEU B 124 -3.46 11.34 -9.98
N LEU B 125 -3.12 11.82 -8.79
CA LEU B 125 -4.11 11.97 -7.72
C LEU B 125 -4.69 13.37 -7.65
N TRP B 126 -4.30 14.24 -8.57
CA TRP B 126 -4.95 15.54 -8.69
C TRP B 126 -6.39 15.31 -9.12
N SER B 127 -7.31 15.95 -8.42
CA SER B 127 -8.75 15.84 -8.68
C SER B 127 -9.26 14.41 -8.49
N HIS B 128 -8.62 13.66 -7.59
CA HIS B 128 -9.12 12.33 -7.24
C HIS B 128 -10.10 12.43 -6.08
N PHE B 129 -9.82 13.29 -5.12
CA PHE B 129 -10.74 13.55 -4.03
C PHE B 129 -11.85 14.51 -4.47
N GLY B 130 -12.82 13.98 -5.20
CA GLY B 130 -13.92 14.79 -5.71
C GLY B 130 -13.92 14.83 -7.23
N ALA C 39 22.87 -14.82 -14.55
CA ALA C 39 23.60 -14.83 -15.81
C ALA C 39 22.90 -13.96 -16.85
N PHE C 40 23.61 -12.95 -17.36
CA PHE C 40 23.03 -12.00 -18.32
C PHE C 40 22.63 -12.69 -19.63
N ARG C 41 23.14 -13.90 -19.84
CA ARG C 41 22.74 -14.68 -20.99
C ARG C 41 21.27 -15.08 -20.87
N GLN C 42 20.90 -15.65 -19.73
CA GLN C 42 19.52 -16.04 -19.48
C GLN C 42 18.64 -14.83 -19.21
N GLU C 43 19.25 -13.79 -18.63
CA GLU C 43 18.56 -12.53 -18.35
C GLU C 43 18.06 -11.90 -19.65
N GLY C 44 18.87 -12.02 -20.70
CA GLY C 44 18.52 -11.47 -22.01
C GLY C 44 17.36 -12.19 -22.67
N VAL C 45 17.32 -13.51 -22.50
CA VAL C 45 16.22 -14.31 -23.04
C VAL C 45 14.95 -14.08 -22.22
N ALA C 46 15.13 -13.88 -20.92
CA ALA C 46 14.03 -13.54 -20.04
C ALA C 46 13.36 -12.24 -20.48
N VAL C 47 14.17 -11.29 -20.95
CA VAL C 47 13.65 -10.04 -21.49
C VAL C 47 12.79 -10.30 -22.72
N LEU C 48 13.32 -11.07 -23.66
CA LEU C 48 12.64 -11.36 -24.91
C LEU C 48 11.29 -12.04 -24.67
N LEU C 49 11.30 -13.03 -23.79
CA LEU C 49 10.08 -13.75 -23.42
C LEU C 49 9.01 -12.80 -22.90
N CYS C 50 9.40 -11.90 -22.01
CA CYS C 50 8.47 -10.89 -21.51
C CYS C 50 8.02 -9.97 -22.64
N VAL C 51 8.94 -9.61 -23.52
CA VAL C 51 8.62 -8.76 -24.66
C VAL C 51 7.69 -9.48 -25.63
N VAL C 52 7.99 -10.75 -25.91
CA VAL C 52 7.14 -11.56 -26.76
C VAL C 52 5.73 -11.69 -26.17
N ILE C 53 5.63 -11.97 -24.88
CA ILE C 53 4.35 -12.06 -24.20
C ILE C 53 3.61 -10.73 -24.25
N ALA C 54 4.36 -9.64 -24.07
CA ALA C 54 3.78 -8.29 -24.07
C ALA C 54 3.14 -7.95 -25.42
N ALA C 55 3.82 -8.33 -26.49
CA ALA C 55 3.31 -8.10 -27.84
C ALA C 55 2.17 -9.06 -28.16
N TRP C 56 2.22 -10.24 -27.55
CA TRP C 56 1.21 -11.28 -27.75
C TRP C 56 -0.16 -10.84 -27.23
N LEU C 57 -0.18 -10.37 -25.99
CA LEU C 57 -1.41 -9.93 -25.34
C LEU C 57 -2.02 -8.72 -26.05
N ASP C 58 -3.33 -8.73 -26.21
CA ASP C 58 -4.01 -7.61 -26.84
C ASP C 58 -4.19 -6.46 -25.86
N VAL C 59 -3.12 -5.70 -25.63
CA VAL C 59 -3.16 -4.55 -24.73
C VAL C 59 -2.82 -3.28 -25.48
N ASP C 60 -3.17 -2.14 -24.92
CA ASP C 60 -2.90 -0.86 -25.55
C ASP C 60 -1.44 -0.45 -25.34
N ALA C 61 -1.05 0.69 -25.91
CA ALA C 61 0.33 1.15 -25.85
C ALA C 61 0.81 1.45 -24.43
N VAL C 62 -0.07 2.01 -23.60
CA VAL C 62 0.31 2.40 -22.24
C VAL C 62 0.62 1.19 -21.36
N THR C 63 -0.22 0.16 -21.44
CA THR C 63 -0.01 -1.07 -20.69
C THR C 63 1.27 -1.77 -21.15
N ARG C 64 1.54 -1.70 -22.44
CA ARG C 64 2.69 -2.34 -23.06
C ARG C 64 3.98 -1.67 -22.61
N VAL C 65 3.96 -0.35 -22.49
CA VAL C 65 5.12 0.40 -22.01
C VAL C 65 5.39 0.10 -20.54
N LEU C 66 4.32 0.00 -19.74
CA LEU C 66 4.47 -0.30 -18.31
C LEU C 66 5.05 -1.70 -18.07
N LEU C 67 4.53 -2.70 -18.77
CA LEU C 67 4.98 -4.08 -18.60
C LEU C 67 6.46 -4.25 -18.91
N ILE C 68 6.89 -3.69 -20.04
CA ILE C 68 8.26 -3.84 -20.51
C ILE C 68 9.24 -2.98 -19.73
N SER C 69 8.83 -1.75 -19.40
CA SER C 69 9.70 -0.85 -18.63
C SER C 69 10.08 -1.46 -17.29
N SER C 70 9.13 -2.15 -16.67
CA SER C 70 9.37 -2.77 -15.36
C SER C 70 10.45 -3.84 -15.47
N VAL C 71 10.40 -4.61 -16.55
CA VAL C 71 11.44 -5.62 -16.81
C VAL C 71 12.77 -4.94 -17.10
N MET C 72 12.72 -3.85 -17.85
CA MET C 72 13.92 -3.10 -18.20
C MET C 72 14.57 -2.46 -16.96
N LEU C 73 13.74 -2.07 -16.00
CA LEU C 73 14.24 -1.46 -14.78
C LEU C 73 15.07 -2.45 -13.98
N VAL C 74 14.64 -3.71 -13.98
CA VAL C 74 15.38 -4.79 -13.32
C VAL C 74 16.77 -4.91 -13.90
N MET C 75 16.86 -4.88 -15.22
CA MET C 75 18.14 -5.00 -15.90
C MET C 75 19.06 -3.84 -15.55
N ILE C 76 18.50 -2.63 -15.58
CA ILE C 76 19.25 -1.42 -15.24
C ILE C 76 19.81 -1.49 -13.82
N VAL C 77 18.97 -1.88 -12.87
CA VAL C 77 19.39 -1.99 -11.48
C VAL C 77 20.41 -3.12 -11.32
N GLU C 78 20.19 -4.24 -12.00
CA GLU C 78 21.15 -5.35 -11.97
C GLU C 78 22.50 -4.94 -12.56
N LEU C 79 22.48 -4.22 -13.68
CA LEU C 79 23.70 -3.72 -14.30
C LEU C 79 24.43 -2.77 -13.35
N LEU C 80 23.66 -1.92 -12.67
CA LEU C 80 24.23 -0.99 -11.72
C LEU C 80 24.76 -1.73 -10.49
N ASN C 81 24.03 -2.75 -10.05
CA ASN C 81 24.48 -3.57 -8.93
C ASN C 81 25.75 -4.32 -9.27
N SER C 82 25.82 -4.87 -10.48
CA SER C 82 26.99 -5.60 -10.93
C SER C 82 28.21 -4.68 -11.02
N ALA C 83 27.99 -3.43 -11.42
CA ALA C 83 29.08 -2.46 -11.50
C ALA C 83 29.64 -2.16 -10.11
N ILE C 84 28.75 -1.92 -9.15
CA ILE C 84 29.15 -1.69 -7.77
C ILE C 84 29.96 -2.87 -7.25
N GLU C 85 29.53 -4.08 -7.61
CA GLU C 85 30.22 -5.30 -7.20
C GLU C 85 31.64 -5.38 -7.79
N ALA C 86 31.80 -4.91 -9.02
CA ALA C 86 33.08 -4.96 -9.70
C ALA C 86 34.12 -4.09 -9.01
N VAL C 87 33.66 -2.99 -8.44
CA VAL C 87 34.53 -2.09 -7.70
C VAL C 87 34.94 -2.75 -6.38
N VAL C 88 33.95 -3.18 -5.61
CA VAL C 88 34.17 -3.82 -4.32
C VAL C 88 35.18 -4.97 -4.39
N ASP C 89 35.07 -5.80 -5.44
CA ASP C 89 35.92 -6.98 -5.57
C ASP C 89 37.38 -6.65 -5.84
N ARG C 90 37.66 -5.46 -6.39
CA ARG C 90 39.04 -5.10 -6.69
C ARG C 90 39.62 -4.17 -5.64
N ILE C 91 38.79 -3.62 -4.76
CA ILE C 91 39.31 -2.85 -3.63
C ILE C 91 40.16 -3.76 -2.77
N GLY C 92 39.68 -4.99 -2.57
CA GLY C 92 40.41 -5.99 -1.83
C GLY C 92 39.81 -7.37 -1.97
N SER C 93 40.65 -8.39 -1.80
CA SER C 93 40.17 -9.76 -1.77
C SER C 93 39.77 -10.15 -0.34
N GLU C 94 39.88 -9.21 0.59
CA GLU C 94 39.48 -9.46 1.97
C GLU C 94 38.03 -9.05 2.22
N TYR C 95 37.48 -9.55 3.32
CA TYR C 95 36.15 -9.14 3.74
C TYR C 95 36.24 -7.93 4.66
N HIS C 96 35.24 -7.07 4.57
CA HIS C 96 35.11 -5.94 5.49
C HIS C 96 33.63 -5.66 5.77
N GLU C 97 33.36 -5.01 6.91
CA GLU C 97 32.03 -4.57 7.31
C GLU C 97 31.37 -3.77 6.18
N LEU C 98 32.17 -2.96 5.49
CA LEU C 98 31.67 -2.08 4.43
C LEU C 98 31.76 -2.72 3.03
N SER C 99 32.64 -3.71 2.89
CA SER C 99 32.77 -4.44 1.63
C SER C 99 31.51 -5.25 1.30
N GLY C 100 31.02 -5.98 2.30
CA GLY C 100 29.84 -6.82 2.12
C GLY C 100 28.54 -6.03 2.24
N ARG C 101 28.60 -4.92 2.97
CA ARG C 101 27.43 -4.07 3.18
C ARG C 101 26.95 -3.47 1.86
N ALA C 102 27.89 -3.20 0.95
CA ALA C 102 27.55 -2.66 -0.36
C ALA C 102 26.78 -3.68 -1.20
N LYS C 103 27.28 -4.91 -1.23
CA LYS C 103 26.68 -5.97 -2.04
C LYS C 103 25.27 -6.31 -1.57
N ASP C 104 25.03 -6.18 -0.27
CA ASP C 104 23.71 -6.42 0.29
C ASP C 104 22.73 -5.34 -0.17
N LEU C 105 23.12 -4.09 0.02
CA LEU C 105 22.30 -2.94 -0.36
C LEU C 105 22.01 -2.92 -1.86
N GLY C 106 22.99 -3.36 -2.65
CA GLY C 106 22.84 -3.47 -4.09
C GLY C 106 21.91 -4.61 -4.46
N SER C 107 22.05 -5.74 -3.78
CA SER C 107 21.18 -6.89 -4.03
C SER C 107 19.75 -6.60 -3.54
N ALA C 108 19.64 -5.76 -2.51
CA ALA C 108 18.34 -5.34 -2.01
C ALA C 108 17.64 -4.49 -3.05
N ALA C 109 18.40 -3.60 -3.68
CA ALA C 109 17.88 -2.76 -4.75
C ALA C 109 17.35 -3.61 -5.91
N VAL C 110 18.06 -4.68 -6.26
CA VAL C 110 17.63 -5.56 -7.33
C VAL C 110 16.35 -6.26 -6.93
N LEU C 111 16.31 -6.71 -5.67
CA LEU C 111 15.14 -7.38 -5.11
C LEU C 111 13.91 -6.47 -5.20
N ILE C 112 14.04 -5.23 -4.72
CA ILE C 112 12.93 -4.29 -4.77
C ILE C 112 12.47 -4.06 -6.21
N ALA C 113 13.42 -4.06 -7.15
CA ALA C 113 13.09 -3.89 -8.55
C ALA C 113 12.28 -5.08 -9.08
N ILE C 114 12.71 -6.28 -8.73
CA ILE C 114 12.01 -7.49 -9.19
C ILE C 114 10.60 -7.56 -8.59
N ILE C 115 10.49 -7.18 -7.31
CA ILE C 115 9.19 -7.14 -6.65
C ILE C 115 8.24 -6.17 -7.36
N ASP C 116 8.74 -4.98 -7.66
CA ASP C 116 7.93 -3.98 -8.35
C ASP C 116 7.49 -4.49 -9.72
N ALA C 117 8.34 -5.28 -10.35
CA ALA C 117 8.02 -5.84 -11.66
C ALA C 117 6.86 -6.83 -11.58
N VAL C 118 6.87 -7.66 -10.54
CA VAL C 118 5.84 -8.65 -10.32
C VAL C 118 4.50 -7.98 -9.99
N ILE C 119 4.54 -6.97 -9.13
CA ILE C 119 3.35 -6.22 -8.78
C ILE C 119 2.72 -5.61 -10.02
N THR C 120 3.56 -5.12 -10.92
CA THR C 120 3.08 -4.52 -12.16
C THR C 120 2.39 -5.53 -13.08
N TRP C 121 3.06 -6.66 -13.32
CA TRP C 121 2.50 -7.71 -14.16
C TRP C 121 1.28 -8.34 -13.55
N ALA C 122 1.22 -8.39 -12.23
CA ALA C 122 0.05 -8.91 -11.56
C ALA C 122 -1.13 -7.97 -11.75
N ILE C 123 -0.94 -6.71 -11.41
CA ILE C 123 -2.01 -5.71 -11.49
C ILE C 123 -2.55 -5.54 -12.90
N LEU C 124 -1.65 -5.46 -13.88
CA LEU C 124 -2.05 -5.24 -15.27
C LEU C 124 -2.73 -6.45 -15.91
N LEU C 125 -2.17 -7.63 -15.72
CA LEU C 125 -2.76 -8.84 -16.28
C LEU C 125 -4.11 -9.13 -15.63
N TRP C 126 -4.20 -8.89 -14.32
CA TRP C 126 -5.47 -9.03 -13.61
C TRP C 126 -6.52 -8.12 -14.21
N SER C 127 -6.12 -6.89 -14.54
CA SER C 127 -7.01 -5.90 -15.12
C SER C 127 -7.38 -6.26 -16.56
N HIS C 128 -6.38 -6.69 -17.33
CA HIS C 128 -6.60 -7.10 -18.71
C HIS C 128 -7.59 -8.25 -18.81
N PHE C 129 -7.45 -9.24 -17.93
CA PHE C 129 -8.29 -10.41 -17.96
C PHE C 129 -9.47 -10.27 -17.01
N GLY C 130 -9.78 -9.03 -16.63
CA GLY C 130 -10.93 -8.77 -15.77
C GLY C 130 -12.22 -8.89 -16.54
N ALA D 23 -30.93 -21.15 6.80
CA ALA D 23 -30.01 -20.05 7.07
C ALA D 23 -28.98 -19.89 5.96
N GLY D 24 -27.88 -19.18 6.24
CA GLY D 24 -26.88 -18.93 5.23
C GLY D 24 -25.70 -19.87 5.28
N TYR D 25 -24.93 -19.89 4.19
CA TYR D 25 -23.72 -20.69 4.12
C TYR D 25 -22.49 -19.80 3.93
N SER D 26 -21.65 -19.74 4.97
CA SER D 26 -20.55 -18.78 5.03
C SER D 26 -19.51 -18.93 3.91
N TRP D 27 -18.98 -20.13 3.75
CA TRP D 27 -17.95 -20.36 2.74
C TRP D 27 -18.52 -20.18 1.34
N LYS D 28 -19.75 -20.65 1.14
CA LYS D 28 -20.45 -20.47 -0.13
C LYS D 28 -20.61 -18.98 -0.45
N GLY D 29 -20.98 -18.19 0.55
CA GLY D 29 -21.12 -16.76 0.39
C GLY D 29 -19.79 -16.07 0.21
N LEU D 30 -18.78 -16.56 0.91
CA LEU D 30 -17.42 -16.01 0.80
C LEU D 30 -16.90 -16.15 -0.62
N ARG D 31 -17.14 -17.30 -1.22
CA ARG D 31 -16.72 -17.55 -2.59
C ARG D 31 -17.54 -16.71 -3.56
N ALA D 32 -18.85 -16.66 -3.33
CA ALA D 32 -19.76 -15.92 -4.20
C ALA D 32 -19.44 -14.43 -4.20
N ALA D 33 -19.01 -13.92 -3.05
CA ALA D 33 -18.59 -12.54 -2.94
C ALA D 33 -17.38 -12.25 -3.82
N TRP D 34 -16.44 -13.20 -3.84
CA TRP D 34 -15.23 -13.08 -4.63
C TRP D 34 -15.50 -13.17 -6.13
N ILE D 35 -16.34 -14.13 -6.53
CA ILE D 35 -16.62 -14.35 -7.94
C ILE D 35 -17.41 -13.19 -8.57
N ASN D 36 -18.32 -12.60 -7.81
CA ASN D 36 -19.28 -11.68 -8.37
C ASN D 36 -18.92 -10.20 -8.23
N GLU D 37 -18.31 -9.84 -7.10
CA GLU D 37 -17.93 -8.45 -6.85
C GLU D 37 -16.44 -8.20 -7.15
N ALA D 38 -16.16 -7.45 -8.22
CA ALA D 38 -14.78 -7.15 -8.58
C ALA D 38 -14.13 -6.27 -7.51
N ALA D 39 -14.91 -5.35 -6.94
CA ALA D 39 -14.42 -4.53 -5.85
C ALA D 39 -14.01 -5.40 -4.64
N PHE D 40 -14.65 -6.55 -4.48
CA PHE D 40 -14.34 -7.43 -3.36
C PHE D 40 -12.99 -8.12 -3.57
N ARG D 41 -12.71 -8.48 -4.82
CA ARG D 41 -11.41 -9.04 -5.17
C ARG D 41 -10.32 -7.99 -4.98
N GLN D 42 -10.63 -6.77 -5.39
CA GLN D 42 -9.70 -5.65 -5.29
C GLN D 42 -9.29 -5.38 -3.84
N GLU D 43 -10.29 -5.31 -2.96
CA GLU D 43 -10.03 -5.03 -1.55
C GLU D 43 -9.36 -6.22 -0.87
N GLY D 44 -9.80 -7.42 -1.22
CA GLY D 44 -9.27 -8.64 -0.62
C GLY D 44 -7.79 -8.83 -0.86
N VAL D 45 -7.37 -8.58 -2.10
CA VAL D 45 -5.96 -8.64 -2.46
C VAL D 45 -5.17 -7.61 -1.64
N ALA D 46 -5.75 -6.42 -1.48
CA ALA D 46 -5.14 -5.38 -0.67
C ALA D 46 -5.06 -5.82 0.79
N VAL D 47 -6.12 -6.47 1.27
CA VAL D 47 -6.16 -6.99 2.64
C VAL D 47 -5.08 -8.05 2.85
N LEU D 48 -5.03 -9.02 1.95
CA LEU D 48 -4.05 -10.09 2.01
C LEU D 48 -2.63 -9.52 2.00
N LEU D 49 -2.41 -8.51 1.17
CA LEU D 49 -1.14 -7.82 1.10
C LEU D 49 -0.76 -7.23 2.45
N CYS D 50 -1.72 -6.56 3.09
CA CYS D 50 -1.47 -5.90 4.37
C CYS D 50 -1.26 -6.92 5.48
N VAL D 51 -2.01 -8.01 5.44
CA VAL D 51 -1.83 -9.10 6.39
C VAL D 51 -0.43 -9.68 6.28
N VAL D 52 0.08 -9.78 5.06
CA VAL D 52 1.42 -10.31 4.82
C VAL D 52 2.48 -9.36 5.38
N ILE D 53 2.38 -8.09 5.02
CA ILE D 53 3.32 -7.06 5.50
C ILE D 53 3.30 -7.01 7.04
N ALA D 54 2.13 -7.23 7.63
CA ALA D 54 1.99 -7.22 9.09
C ALA D 54 2.74 -8.37 9.73
N ALA D 55 2.69 -9.53 9.09
CA ALA D 55 3.37 -10.72 9.60
C ALA D 55 4.88 -10.62 9.44
N TRP D 56 5.33 -9.80 8.50
CA TRP D 56 6.75 -9.64 8.22
C TRP D 56 7.42 -8.65 9.18
N LEU D 57 6.75 -7.53 9.45
CA LEU D 57 7.31 -6.46 10.30
C LEU D 57 7.66 -6.96 11.69
N ASP D 58 8.67 -6.33 12.30
CA ASP D 58 9.00 -6.61 13.69
C ASP D 58 8.24 -5.66 14.60
N VAL D 59 7.00 -6.03 14.91
CA VAL D 59 6.16 -5.27 15.82
C VAL D 59 5.70 -6.15 16.96
N ASP D 60 5.19 -5.54 18.03
CA ASP D 60 4.62 -6.31 19.13
C ASP D 60 3.29 -6.92 18.70
N ALA D 61 2.78 -7.84 19.51
CA ALA D 61 1.52 -8.51 19.19
C ALA D 61 0.36 -7.52 19.11
N VAL D 62 0.38 -6.53 19.99
CA VAL D 62 -0.64 -5.49 20.05
C VAL D 62 -0.76 -4.74 18.73
N THR D 63 0.38 -4.30 18.19
CA THR D 63 0.40 -3.56 16.93
C THR D 63 -0.03 -4.45 15.77
N ARG D 64 0.47 -5.69 15.77
CA ARG D 64 0.18 -6.65 14.72
C ARG D 64 -1.32 -6.96 14.63
N VAL D 65 -1.96 -7.19 15.77
CA VAL D 65 -3.39 -7.47 15.79
C VAL D 65 -4.17 -6.27 15.21
N LEU D 66 -3.74 -5.06 15.55
CA LEU D 66 -4.41 -3.86 15.10
C LEU D 66 -4.24 -3.63 13.60
N LEU D 67 -3.09 -4.03 13.06
CA LEU D 67 -2.83 -3.88 11.64
C LEU D 67 -3.71 -4.82 10.82
N ILE D 68 -3.90 -6.04 11.33
CA ILE D 68 -4.67 -7.05 10.63
C ILE D 68 -6.17 -6.81 10.78
N SER D 69 -6.59 -6.53 12.01
CA SER D 69 -8.00 -6.30 12.30
C SER D 69 -8.62 -5.16 11.53
N SER D 70 -7.87 -4.08 11.34
CA SER D 70 -8.38 -2.89 10.70
C SER D 70 -8.69 -3.12 9.22
N VAL D 71 -7.95 -4.03 8.58
CA VAL D 71 -8.19 -4.34 7.18
C VAL D 71 -9.14 -5.53 7.04
N MET D 72 -9.17 -6.40 8.04
CA MET D 72 -10.13 -7.49 8.05
C MET D 72 -11.53 -6.92 8.21
N LEU D 73 -11.61 -5.79 8.90
CA LEU D 73 -12.87 -5.10 9.12
C LEU D 73 -13.48 -4.70 7.78
N VAL D 74 -12.61 -4.31 6.85
CA VAL D 74 -13.05 -3.92 5.52
C VAL D 74 -13.82 -5.06 4.86
N MET D 75 -13.31 -6.28 5.00
CA MET D 75 -13.98 -7.46 4.45
C MET D 75 -15.33 -7.69 5.10
N ILE D 76 -15.37 -7.61 6.42
CA ILE D 76 -16.59 -7.81 7.19
C ILE D 76 -17.67 -6.81 6.78
N VAL D 77 -17.28 -5.55 6.66
CA VAL D 77 -18.20 -4.50 6.27
C VAL D 77 -18.65 -4.66 4.80
N GLU D 78 -17.70 -4.99 3.94
CA GLU D 78 -18.01 -5.16 2.51
C GLU D 78 -18.98 -6.30 2.29
N LEU D 79 -18.81 -7.39 3.03
CA LEU D 79 -19.72 -8.52 2.96
C LEU D 79 -21.13 -8.11 3.37
N LEU D 80 -21.23 -7.29 4.41
CA LEU D 80 -22.53 -6.82 4.88
C LEU D 80 -23.15 -5.88 3.87
N ASN D 81 -22.32 -5.02 3.29
CA ASN D 81 -22.76 -4.10 2.26
C ASN D 81 -23.25 -4.86 1.04
N SER D 82 -22.57 -5.94 0.70
CA SER D 82 -22.97 -6.76 -0.43
C SER D 82 -24.28 -7.51 -0.17
N ALA D 83 -24.49 -7.91 1.09
CA ALA D 83 -25.73 -8.57 1.47
C ALA D 83 -26.90 -7.62 1.29
N ILE D 84 -26.76 -6.44 1.86
CA ILE D 84 -27.75 -5.36 1.73
C ILE D 84 -28.08 -5.11 0.26
N GLU D 85 -27.05 -5.06 -0.58
CA GLU D 85 -27.21 -4.85 -2.01
C GLU D 85 -27.95 -6.00 -2.68
N ALA D 86 -27.72 -7.21 -2.21
CA ALA D 86 -28.33 -8.39 -2.81
C ALA D 86 -29.85 -8.40 -2.60
N VAL D 87 -30.30 -7.94 -1.45
CA VAL D 87 -31.71 -7.94 -1.13
C VAL D 87 -32.49 -6.99 -2.02
N VAL D 88 -31.96 -5.78 -2.20
CA VAL D 88 -32.65 -4.75 -2.95
C VAL D 88 -32.54 -4.97 -4.46
N ASP D 89 -31.49 -5.67 -4.88
CA ASP D 89 -31.30 -5.98 -6.30
C ASP D 89 -32.18 -7.15 -6.74
N ARG D 90 -32.55 -7.99 -5.78
CA ARG D 90 -33.44 -9.12 -6.04
C ARG D 90 -34.86 -8.63 -6.34
N ILE D 91 -35.20 -7.46 -5.82
CA ILE D 91 -36.52 -6.88 -6.00
C ILE D 91 -36.76 -6.50 -7.46
N GLY D 92 -35.82 -5.78 -8.06
CA GLY D 92 -35.94 -5.37 -9.44
C GLY D 92 -34.74 -4.58 -9.94
N SER D 93 -34.68 -4.36 -11.25
CA SER D 93 -33.59 -3.59 -11.86
C SER D 93 -33.87 -2.09 -11.78
N GLU D 94 -35.15 -1.75 -11.78
CA GLU D 94 -35.61 -0.36 -11.79
C GLU D 94 -35.05 0.44 -10.62
N TYR D 95 -34.61 1.66 -10.91
CA TYR D 95 -34.09 2.52 -9.87
C TYR D 95 -35.21 3.01 -8.96
N HIS D 96 -35.02 2.80 -7.67
CA HIS D 96 -35.87 3.40 -6.65
C HIS D 96 -34.96 4.21 -5.71
N GLU D 97 -35.42 5.40 -5.33
CA GLU D 97 -34.65 6.28 -4.45
C GLU D 97 -34.25 5.57 -3.16
N LEU D 98 -35.11 4.67 -2.69
CA LEU D 98 -34.84 3.90 -1.47
C LEU D 98 -33.77 2.84 -1.68
N SER D 99 -33.79 2.19 -2.84
CA SER D 99 -32.78 1.19 -3.19
C SER D 99 -31.41 1.83 -3.29
N GLY D 100 -31.35 2.98 -3.97
CA GLY D 100 -30.11 3.69 -4.14
C GLY D 100 -29.57 4.25 -2.84
N ARG D 101 -30.48 4.56 -1.91
CA ARG D 101 -30.11 5.12 -0.63
C ARG D 101 -29.45 4.05 0.25
N ALA D 102 -29.98 2.83 0.20
CA ALA D 102 -29.43 1.72 0.96
C ALA D 102 -28.01 1.36 0.50
N LYS D 103 -27.82 1.31 -0.82
CA LYS D 103 -26.53 0.93 -1.38
C LYS D 103 -25.45 2.00 -1.11
N ASP D 104 -25.87 3.26 -1.01
CA ASP D 104 -24.95 4.36 -0.76
C ASP D 104 -24.41 4.32 0.68
N LEU D 105 -25.31 4.11 1.63
CA LEU D 105 -24.95 4.03 3.03
C LEU D 105 -24.04 2.85 3.31
N GLY D 106 -24.30 1.74 2.63
CA GLY D 106 -23.47 0.56 2.76
C GLY D 106 -22.08 0.82 2.23
N SER D 107 -22.02 1.49 1.08
CA SER D 107 -20.76 1.84 0.45
C SER D 107 -20.04 2.90 1.27
N ALA D 108 -20.79 3.75 1.96
CA ALA D 108 -20.19 4.73 2.84
C ALA D 108 -19.50 4.04 4.00
N ALA D 109 -20.10 2.96 4.48
CA ALA D 109 -19.55 2.20 5.59
C ALA D 109 -18.22 1.54 5.19
N VAL D 110 -18.19 0.98 3.98
CA VAL D 110 -16.98 0.36 3.46
C VAL D 110 -15.87 1.39 3.33
N LEU D 111 -16.22 2.56 2.79
CA LEU D 111 -15.27 3.65 2.59
C LEU D 111 -14.59 4.06 3.90
N ILE D 112 -15.39 4.25 4.94
CA ILE D 112 -14.87 4.66 6.24
C ILE D 112 -13.99 3.57 6.84
N ALA D 113 -14.40 2.33 6.68
CA ALA D 113 -13.62 1.19 7.18
C ALA D 113 -12.23 1.19 6.53
N ILE D 114 -12.17 1.54 5.25
CA ILE D 114 -10.91 1.62 4.54
C ILE D 114 -10.05 2.78 5.04
N ILE D 115 -10.66 3.96 5.14
CA ILE D 115 -9.97 5.13 5.68
C ILE D 115 -9.47 4.83 7.09
N ASP D 116 -10.33 4.23 7.89
CA ASP D 116 -9.99 3.80 9.24
C ASP D 116 -8.74 2.93 9.26
N ALA D 117 -8.60 2.07 8.25
CA ALA D 117 -7.46 1.17 8.18
C ALA D 117 -6.19 1.90 7.78
N VAL D 118 -6.30 2.87 6.88
CA VAL D 118 -5.11 3.59 6.40
C VAL D 118 -4.54 4.48 7.51
N ILE D 119 -5.43 5.15 8.25
CA ILE D 119 -5.03 5.95 9.40
C ILE D 119 -4.39 5.08 10.47
N THR D 120 -5.01 3.94 10.74
CA THR D 120 -4.45 2.96 11.68
C THR D 120 -3.05 2.54 11.23
N TRP D 121 -2.90 2.24 9.94
CA TRP D 121 -1.61 1.83 9.40
C TRP D 121 -0.61 2.97 9.38
N ALA D 122 -1.08 4.18 9.13
CA ALA D 122 -0.20 5.35 9.12
C ALA D 122 0.32 5.65 10.52
N ILE D 123 -0.60 5.78 11.48
CA ILE D 123 -0.25 6.14 12.85
C ILE D 123 0.71 5.14 13.48
N LEU D 124 0.42 3.85 13.37
CA LEU D 124 1.23 2.83 14.01
C LEU D 124 2.60 2.67 13.36
N LEU D 125 2.64 2.55 12.03
CA LEU D 125 3.92 2.36 11.34
C LEU D 125 4.81 3.57 11.48
N TRP D 126 4.21 4.76 11.54
CA TRP D 126 5.00 5.98 11.63
C TRP D 126 5.60 6.17 13.02
N SER D 127 4.84 5.88 14.06
CA SER D 127 5.33 6.04 15.42
C SER D 127 6.47 5.07 15.70
N HIS D 128 6.37 3.86 15.15
CA HIS D 128 7.33 2.80 15.41
C HIS D 128 8.63 2.99 14.62
N PHE D 129 8.51 3.39 13.35
CA PHE D 129 9.68 3.45 12.47
C PHE D 129 10.05 4.86 12.03
N GLY D 130 9.28 5.86 12.46
CA GLY D 130 9.56 7.24 12.10
C GLY D 130 10.53 7.89 13.07
N GLN E 42 -29.90 -15.40 22.54
CA GLN E 42 -29.29 -16.24 21.50
C GLN E 42 -28.04 -16.94 22.04
N GLU E 43 -27.52 -17.89 21.26
CA GLU E 43 -26.31 -18.61 21.65
C GLU E 43 -25.08 -17.75 21.40
N GLY E 44 -25.29 -16.61 20.76
CA GLY E 44 -24.23 -15.64 20.53
C GLY E 44 -24.01 -14.78 21.76
N VAL E 45 -25.11 -14.27 22.33
CA VAL E 45 -25.06 -13.44 23.53
C VAL E 45 -24.43 -14.18 24.70
N ALA E 46 -24.84 -15.45 24.84
CA ALA E 46 -24.41 -16.30 25.95
C ALA E 46 -22.90 -16.43 26.02
N VAL E 47 -22.32 -17.02 24.98
CA VAL E 47 -20.87 -17.24 24.94
C VAL E 47 -20.12 -15.91 25.03
N LEU E 48 -20.59 -14.92 24.28
CA LEU E 48 -20.02 -13.56 24.25
C LEU E 48 -19.56 -13.09 25.62
N LEU E 49 -20.53 -12.94 26.52
CA LEU E 49 -20.28 -12.39 27.84
C LEU E 49 -19.37 -13.31 28.67
N CYS E 50 -19.43 -14.60 28.42
CA CYS E 50 -18.53 -15.56 29.04
C CYS E 50 -17.10 -15.30 28.59
N VAL E 51 -16.95 -14.93 27.32
CA VAL E 51 -15.65 -14.61 26.79
C VAL E 51 -15.22 -13.23 27.31
N VAL E 52 -16.21 -12.41 27.65
CA VAL E 52 -15.95 -11.06 28.17
C VAL E 52 -15.38 -11.10 29.60
N ILE E 53 -16.07 -11.79 30.49
CA ILE E 53 -15.61 -11.87 31.88
C ILE E 53 -14.27 -12.60 31.92
N ALA E 54 -14.14 -13.66 31.13
CA ALA E 54 -12.88 -14.40 31.04
C ALA E 54 -11.74 -13.50 30.55
N ALA E 55 -12.07 -12.55 29.68
CA ALA E 55 -11.08 -11.58 29.21
C ALA E 55 -10.76 -10.57 30.30
N TRP E 56 -11.76 -10.32 31.16
CA TRP E 56 -11.63 -9.33 32.23
C TRP E 56 -10.72 -9.81 33.36
N LEU E 57 -10.19 -11.01 33.21
CA LEU E 57 -9.54 -11.73 34.31
C LEU E 57 -8.05 -11.40 34.59
N ASP E 58 -7.25 -11.10 33.57
CA ASP E 58 -5.79 -11.23 33.70
C ASP E 58 -4.86 -10.05 33.34
N VAL E 59 -4.89 -9.64 32.07
CA VAL E 59 -3.78 -8.88 31.47
C VAL E 59 -3.79 -7.37 31.70
N ASP E 60 -2.99 -6.67 30.89
CA ASP E 60 -2.89 -5.21 30.97
C ASP E 60 -4.04 -4.54 30.24
N ALA E 61 -4.11 -3.22 30.36
CA ALA E 61 -5.27 -2.44 29.89
C ALA E 61 -5.60 -2.64 28.41
N VAL E 62 -4.59 -2.45 27.57
CA VAL E 62 -4.77 -2.50 26.12
C VAL E 62 -5.20 -3.88 25.64
N THR E 63 -4.52 -4.92 26.09
CA THR E 63 -4.82 -6.28 25.67
C THR E 63 -6.26 -6.67 26.05
N ARG E 64 -6.74 -6.17 27.19
CA ARG E 64 -8.12 -6.41 27.60
C ARG E 64 -9.11 -5.81 26.62
N VAL E 65 -8.84 -4.59 26.17
CA VAL E 65 -9.69 -3.92 25.18
C VAL E 65 -9.84 -4.76 23.92
N LEU E 66 -8.70 -5.25 23.42
CA LEU E 66 -8.66 -6.06 22.22
C LEU E 66 -9.43 -7.37 22.38
N LEU E 67 -9.23 -8.04 23.51
CA LEU E 67 -9.91 -9.29 23.78
C LEU E 67 -11.42 -9.08 23.89
N ILE E 68 -11.82 -7.97 24.49
CA ILE E 68 -13.24 -7.63 24.59
C ILE E 68 -13.79 -7.21 23.23
N SER E 69 -13.11 -6.25 22.59
CA SER E 69 -13.56 -5.70 21.31
C SER E 69 -13.71 -6.76 20.21
N SER E 70 -12.70 -7.62 20.07
CA SER E 70 -12.71 -8.60 18.99
C SER E 70 -13.92 -9.53 19.10
N VAL E 71 -14.30 -9.85 20.34
CA VAL E 71 -15.44 -10.73 20.55
C VAL E 71 -16.75 -9.96 20.42
N MET E 72 -16.79 -8.75 20.95
CA MET E 72 -17.97 -7.89 20.80
C MET E 72 -18.23 -7.53 19.33
N LEU E 73 -17.20 -7.57 18.49
CA LEU E 73 -17.39 -7.33 17.08
C LEU E 73 -18.23 -8.45 16.48
N VAL E 74 -17.89 -9.69 16.83
CA VAL E 74 -18.65 -10.86 16.40
C VAL E 74 -20.13 -10.66 16.72
N MET E 75 -20.39 -10.15 17.92
CA MET E 75 -21.73 -9.84 18.38
C MET E 75 -22.44 -8.84 17.47
N ILE E 76 -21.77 -7.74 17.17
CA ILE E 76 -22.31 -6.69 16.31
C ILE E 76 -22.65 -7.21 14.91
N VAL E 77 -21.74 -8.02 14.37
CA VAL E 77 -21.89 -8.57 13.04
C VAL E 77 -23.03 -9.59 13.00
N GLU E 78 -23.16 -10.36 14.07
CA GLU E 78 -24.23 -11.36 14.15
C GLU E 78 -25.61 -10.69 14.22
N LEU E 79 -25.72 -9.59 14.97
CA LEU E 79 -26.96 -8.83 15.05
C LEU E 79 -27.33 -8.19 13.70
N LEU E 80 -26.33 -7.63 13.02
CA LEU E 80 -26.54 -7.05 11.70
C LEU E 80 -26.94 -8.12 10.69
N ASN E 81 -26.34 -9.30 10.82
CA ASN E 81 -26.69 -10.43 9.98
C ASN E 81 -28.12 -10.90 10.25
N SER E 82 -28.52 -10.85 11.51
CA SER E 82 -29.87 -11.27 11.88
C SER E 82 -30.92 -10.27 11.40
N ALA E 83 -30.51 -9.02 11.24
CA ALA E 83 -31.40 -7.99 10.72
C ALA E 83 -31.69 -8.27 9.25
N ILE E 84 -30.67 -8.68 8.52
CA ILE E 84 -30.81 -8.98 7.11
C ILE E 84 -31.71 -10.21 6.91
N GLU E 85 -31.53 -11.21 7.77
CA GLU E 85 -32.34 -12.42 7.73
C GLU E 85 -33.81 -12.13 8.00
N ALA E 86 -34.07 -11.21 8.93
CA ALA E 86 -35.44 -10.84 9.26
C ALA E 86 -36.16 -10.28 8.04
N VAL E 87 -35.40 -9.68 7.14
CA VAL E 87 -35.96 -9.12 5.91
C VAL E 87 -36.19 -10.23 4.89
N VAL E 88 -35.15 -11.02 4.65
CA VAL E 88 -35.18 -12.07 3.64
C VAL E 88 -36.19 -13.15 3.99
N ASP E 89 -36.22 -13.55 5.26
CA ASP E 89 -37.12 -14.59 5.71
C ASP E 89 -38.36 -14.03 6.41
N ARG E 90 -38.74 -12.82 6.04
CA ARG E 90 -39.93 -12.19 6.59
C ARG E 90 -41.18 -12.97 6.20
N ILE E 91 -42.27 -12.73 6.91
CA ILE E 91 -43.57 -13.30 6.55
C ILE E 91 -44.05 -12.74 5.22
N GLY E 92 -44.18 -13.61 4.22
CA GLY E 92 -44.63 -13.20 2.90
C GLY E 92 -43.53 -13.28 1.86
N SER E 93 -42.31 -13.57 2.31
CA SER E 93 -41.17 -13.71 1.42
C SER E 93 -41.38 -14.87 0.45
N GLU E 94 -42.22 -15.82 0.86
CA GLU E 94 -42.58 -16.98 0.05
C GLU E 94 -43.25 -16.60 -1.26
N TYR E 95 -43.99 -15.50 -1.26
CA TYR E 95 -44.74 -15.09 -2.43
C TYR E 95 -43.92 -14.21 -3.36
N HIS E 96 -42.64 -14.08 -3.07
CA HIS E 96 -41.75 -13.33 -3.96
C HIS E 96 -40.44 -14.07 -4.13
N GLU E 97 -39.69 -13.68 -5.15
CA GLU E 97 -38.33 -14.17 -5.33
C GLU E 97 -37.50 -13.64 -4.16
N LEU E 98 -36.75 -14.53 -3.52
CA LEU E 98 -35.94 -14.12 -2.38
C LEU E 98 -34.45 -14.37 -2.61
N SER E 99 -33.63 -13.61 -1.90
CA SER E 99 -32.19 -13.66 -2.07
C SER E 99 -31.51 -14.61 -1.08
N GLY E 100 -31.28 -15.85 -1.51
CA GLY E 100 -30.53 -16.80 -0.70
C GLY E 100 -29.08 -16.37 -0.59
N ARG E 101 -28.62 -15.65 -1.62
CA ARG E 101 -27.28 -15.12 -1.68
C ARG E 101 -27.02 -14.11 -0.56
N ALA E 102 -28.05 -13.30 -0.27
CA ALA E 102 -27.94 -12.28 0.77
C ALA E 102 -27.64 -12.88 2.13
N LYS E 103 -28.35 -13.96 2.46
CA LYS E 103 -28.11 -14.66 3.71
C LYS E 103 -26.69 -15.25 3.76
N ASP E 104 -26.18 -15.71 2.62
CA ASP E 104 -24.84 -16.27 2.56
C ASP E 104 -23.77 -15.22 2.88
N LEU E 105 -23.88 -14.06 2.25
CA LEU E 105 -22.93 -12.98 2.45
C LEU E 105 -22.89 -12.53 3.90
N GLY E 106 -24.06 -12.43 4.51
CA GLY E 106 -24.16 -12.04 5.90
C GLY E 106 -23.52 -13.05 6.83
N SER E 107 -23.64 -14.32 6.47
CA SER E 107 -23.03 -15.40 7.24
C SER E 107 -21.52 -15.37 7.08
N ALA E 108 -21.06 -15.04 5.89
CA ALA E 108 -19.64 -14.89 5.61
C ALA E 108 -19.03 -13.83 6.51
N ALA E 109 -19.76 -12.74 6.72
CA ALA E 109 -19.29 -11.65 7.57
C ALA E 109 -19.10 -12.13 9.00
N VAL E 110 -20.01 -12.97 9.45
CA VAL E 110 -19.91 -13.53 10.78
C VAL E 110 -18.71 -14.47 10.88
N LEU E 111 -18.57 -15.34 9.87
CA LEU E 111 -17.44 -16.26 9.79
C LEU E 111 -16.10 -15.53 9.90
N ILE E 112 -15.96 -14.44 9.14
CA ILE E 112 -14.74 -13.64 9.15
C ILE E 112 -14.53 -13.00 10.52
N ALA E 113 -15.61 -12.48 11.11
CA ALA E 113 -15.53 -11.85 12.42
C ALA E 113 -15.09 -12.85 13.49
N ILE E 114 -15.59 -14.07 13.40
CA ILE E 114 -15.22 -15.14 14.33
C ILE E 114 -13.76 -15.56 14.13
N ILE E 115 -13.39 -15.79 12.87
CA ILE E 115 -12.01 -16.15 12.54
C ILE E 115 -11.05 -15.06 13.01
N ASP E 116 -11.42 -13.82 12.72
CA ASP E 116 -10.64 -12.66 13.13
C ASP E 116 -10.49 -12.62 14.65
N ALA E 117 -11.53 -13.02 15.36
CA ALA E 117 -11.50 -12.99 16.84
C ALA E 117 -10.63 -14.10 17.39
N VAL E 118 -10.67 -15.26 16.75
CA VAL E 118 -9.83 -16.40 17.16
C VAL E 118 -8.36 -16.06 16.97
N ILE E 119 -8.02 -15.49 15.81
CA ILE E 119 -6.68 -15.04 15.51
C ILE E 119 -6.20 -14.00 16.53
N THR E 120 -7.09 -13.05 16.84
CA THR E 120 -6.77 -11.99 17.82
C THR E 120 -6.42 -12.59 19.17
N TRP E 121 -7.19 -13.60 19.57
CA TRP E 121 -7.00 -14.24 20.87
C TRP E 121 -5.77 -15.14 20.89
N ALA E 122 -5.53 -15.85 19.80
CA ALA E 122 -4.39 -16.76 19.72
C ALA E 122 -3.08 -15.99 19.91
N ILE E 123 -2.89 -14.96 19.10
CA ILE E 123 -1.66 -14.18 19.11
C ILE E 123 -1.38 -13.54 20.47
N LEU E 124 -2.39 -12.90 21.06
CA LEU E 124 -2.20 -12.19 22.32
C LEU E 124 -1.92 -13.14 23.48
N LEU E 125 -2.50 -14.33 23.45
CA LEU E 125 -2.26 -15.32 24.50
C LEU E 125 -0.93 -16.03 24.31
N TRP E 126 -0.55 -16.25 23.05
CA TRP E 126 0.70 -16.92 22.71
C TRP E 126 1.90 -16.07 23.09
N SER E 127 1.79 -14.76 22.92
CA SER E 127 2.86 -13.84 23.32
C SER E 127 2.87 -13.65 24.83
N HIS E 128 1.77 -14.05 25.48
CA HIS E 128 1.61 -13.90 26.92
C HIS E 128 2.07 -15.15 27.67
N PHE E 129 1.79 -16.32 27.11
CA PHE E 129 2.23 -17.57 27.74
C PHE E 129 3.42 -18.19 27.01
N GLY E 130 4.15 -17.35 26.28
CA GLY E 130 5.32 -17.81 25.54
C GLY E 130 6.57 -17.76 26.39
N GLU F 43 -23.93 14.48 14.27
CA GLU F 43 -23.56 13.19 13.70
C GLU F 43 -22.05 12.98 13.72
N GLY F 44 -21.38 13.39 12.66
CA GLY F 44 -19.94 13.30 12.59
C GLY F 44 -19.28 14.26 13.55
N VAL F 45 -20.01 15.31 13.93
CA VAL F 45 -19.52 16.32 14.87
C VAL F 45 -19.08 15.65 16.17
N ALA F 46 -19.81 14.62 16.57
CA ALA F 46 -19.43 13.82 17.74
C ALA F 46 -18.15 13.06 17.45
N VAL F 47 -18.07 12.47 16.26
CA VAL F 47 -16.92 11.63 15.91
C VAL F 47 -15.73 12.50 15.48
N LEU F 48 -16.00 13.67 14.91
CA LEU F 48 -14.93 14.61 14.57
C LEU F 48 -14.31 15.21 15.82
N LEU F 49 -15.15 15.55 16.79
CA LEU F 49 -14.68 15.93 18.11
C LEU F 49 -13.83 14.81 18.69
N CYS F 50 -14.45 13.65 18.87
CA CYS F 50 -13.80 12.49 19.49
C CYS F 50 -12.43 12.16 18.91
N VAL F 51 -12.30 12.24 17.59
CA VAL F 51 -11.03 11.92 16.93
C VAL F 51 -9.95 12.93 17.32
N VAL F 52 -10.27 14.22 17.19
CA VAL F 52 -9.31 15.28 17.49
C VAL F 52 -9.00 15.33 18.99
N ILE F 53 -10.00 15.07 19.83
CA ILE F 53 -9.77 14.94 21.26
C ILE F 53 -8.81 13.76 21.52
N ALA F 54 -9.09 12.64 20.87
CA ALA F 54 -8.27 11.44 21.00
C ALA F 54 -6.83 11.68 20.56
N ALA F 55 -6.68 12.37 19.44
CA ALA F 55 -5.36 12.67 18.90
C ALA F 55 -4.62 13.69 19.77
N TRP F 56 -5.39 14.47 20.53
CA TRP F 56 -4.83 15.55 21.33
C TRP F 56 -4.15 15.05 22.61
N LEU F 57 -4.78 14.09 23.28
CA LEU F 57 -4.28 13.56 24.54
C LEU F 57 -2.86 13.03 24.39
N ASP F 58 -2.10 13.04 25.49
CA ASP F 58 -0.78 12.42 25.47
C ASP F 58 -0.92 10.92 25.75
N VAL F 59 -1.02 10.14 24.68
CA VAL F 59 -1.11 8.69 24.78
C VAL F 59 -0.22 8.03 23.73
N ASP F 60 0.16 6.77 23.98
CA ASP F 60 0.97 6.03 23.01
C ASP F 60 0.15 5.76 21.76
N ALA F 61 0.82 5.46 20.66
CA ALA F 61 0.14 5.29 19.37
C ALA F 61 -0.95 4.22 19.41
N VAL F 62 -0.75 3.19 20.23
CA VAL F 62 -1.71 2.09 20.35
C VAL F 62 -3.03 2.53 20.96
N THR F 63 -2.97 3.25 22.09
CA THR F 63 -4.16 3.72 22.75
C THR F 63 -4.94 4.65 21.83
N ARG F 64 -4.22 5.54 21.16
CA ARG F 64 -4.82 6.51 20.23
C ARG F 64 -5.62 5.82 19.14
N VAL F 65 -5.04 4.77 18.55
CA VAL F 65 -5.70 4.00 17.51
C VAL F 65 -6.97 3.33 18.06
N LEU F 66 -6.83 2.67 19.21
CA LEU F 66 -7.97 2.03 19.86
C LEU F 66 -9.08 3.00 20.20
N LEU F 67 -8.74 4.24 20.48
CA LEU F 67 -9.76 5.25 20.79
C LEU F 67 -10.49 5.65 19.53
N ILE F 68 -9.73 5.91 18.46
CA ILE F 68 -10.29 6.36 17.20
C ILE F 68 -11.12 5.28 16.52
N SER F 69 -10.54 4.10 16.32
CA SER F 69 -11.23 3.03 15.60
C SER F 69 -12.47 2.56 16.36
N SER F 70 -12.47 2.80 17.67
CA SER F 70 -13.60 2.47 18.54
C SER F 70 -14.85 3.28 18.20
N VAL F 71 -14.70 4.59 18.10
CA VAL F 71 -15.82 5.46 17.78
C VAL F 71 -16.12 5.41 16.29
N MET F 72 -15.13 5.04 15.49
CA MET F 72 -15.31 4.92 14.05
C MET F 72 -16.19 3.71 13.71
N LEU F 73 -16.12 2.68 14.56
CA LEU F 73 -16.92 1.48 14.37
C LEU F 73 -18.40 1.80 14.56
N VAL F 74 -18.68 2.69 15.50
CA VAL F 74 -20.04 3.15 15.75
C VAL F 74 -20.62 3.80 14.50
N MET F 75 -19.86 4.72 13.91
CA MET F 75 -20.26 5.38 12.67
C MET F 75 -20.52 4.36 11.55
N ILE F 76 -19.71 3.32 11.49
CA ILE F 76 -19.84 2.27 10.49
C ILE F 76 -21.13 1.47 10.69
N VAL F 77 -21.39 1.12 11.94
CA VAL F 77 -22.57 0.33 12.28
C VAL F 77 -23.84 1.17 12.14
N GLU F 78 -23.77 2.44 12.52
CA GLU F 78 -24.91 3.35 12.34
C GLU F 78 -25.23 3.54 10.87
N LEU F 79 -24.21 3.50 10.02
CA LEU F 79 -24.41 3.58 8.58
C LEU F 79 -25.08 2.32 8.05
N LEU F 80 -24.50 1.17 8.41
CA LEU F 80 -25.05 -0.14 8.03
C LEU F 80 -26.49 -0.32 8.50
N ASN F 81 -26.78 0.21 9.68
CA ASN F 81 -28.13 0.17 10.25
C ASN F 81 -29.11 0.98 9.41
N SER F 82 -28.69 2.18 9.00
CA SER F 82 -29.54 3.04 8.18
C SER F 82 -29.79 2.43 6.80
N ALA F 83 -28.81 1.70 6.29
CA ALA F 83 -28.95 1.03 5.00
C ALA F 83 -29.97 -0.10 5.09
N ILE F 84 -29.99 -0.79 6.23
CA ILE F 84 -30.97 -1.83 6.49
C ILE F 84 -32.37 -1.24 6.62
N GLU F 85 -32.47 -0.12 7.34
CA GLU F 85 -33.75 0.58 7.50
C GLU F 85 -34.26 1.08 6.17
N ALA F 86 -33.34 1.34 5.23
CA ALA F 86 -33.69 1.73 3.88
C ALA F 86 -34.18 0.51 3.08
N VAL F 87 -33.60 -0.65 3.38
CA VAL F 87 -34.03 -1.89 2.77
C VAL F 87 -35.45 -2.22 3.22
N VAL F 88 -35.68 -2.11 4.53
CA VAL F 88 -37.00 -2.37 5.10
C VAL F 88 -38.05 -1.47 4.47
N ASP F 89 -37.75 -0.18 4.36
CA ASP F 89 -38.66 0.77 3.74
C ASP F 89 -38.86 0.47 2.25
N ARG F 90 -37.82 -0.07 1.62
CA ARG F 90 -37.90 -0.49 0.22
C ARG F 90 -38.81 -1.70 0.08
N ILE F 91 -38.64 -2.65 0.98
CA ILE F 91 -39.45 -3.86 1.00
C ILE F 91 -40.91 -3.50 1.24
N GLY F 92 -41.15 -2.65 2.24
CA GLY F 92 -42.49 -2.19 2.55
C GLY F 92 -43.14 -1.40 1.43
N SER F 93 -42.34 -0.62 0.71
CA SER F 93 -42.88 0.19 -0.38
C SER F 93 -43.28 -0.70 -1.57
N GLU F 94 -42.47 -1.70 -1.84
CA GLU F 94 -42.67 -2.57 -3.00
C GLU F 94 -43.71 -3.66 -2.74
N TYR F 95 -43.63 -4.28 -1.57
CA TYR F 95 -44.42 -5.48 -1.29
C TYR F 95 -45.57 -5.27 -0.29
N HIS F 96 -45.58 -4.12 0.36
CA HIS F 96 -46.47 -3.83 1.49
C HIS F 96 -46.34 -4.90 2.58
N GLU F 97 -45.10 -5.22 2.92
CA GLU F 97 -44.80 -6.23 3.95
C GLU F 97 -43.85 -5.71 5.01
N LEU F 98 -44.07 -6.12 6.26
CA LEU F 98 -43.16 -5.77 7.34
C LEU F 98 -41.94 -6.67 7.28
N SER F 99 -40.84 -6.21 7.85
CA SER F 99 -39.59 -6.99 7.87
C SER F 99 -39.26 -7.47 9.27
N GLY F 100 -40.30 -7.81 10.04
CA GLY F 100 -40.13 -8.35 11.37
C GLY F 100 -39.35 -7.46 12.32
N ARG F 101 -38.31 -8.03 12.93
CA ARG F 101 -37.54 -7.31 13.94
C ARG F 101 -36.23 -6.73 13.38
N ALA F 102 -36.16 -6.62 12.05
CA ALA F 102 -34.96 -6.11 11.39
C ALA F 102 -34.50 -4.76 11.92
N LYS F 103 -35.42 -3.81 12.03
CA LYS F 103 -35.07 -2.48 12.51
C LYS F 103 -34.58 -2.51 13.95
N ASP F 104 -35.23 -3.32 14.79
CA ASP F 104 -34.83 -3.46 16.18
C ASP F 104 -33.45 -4.09 16.32
N LEU F 105 -33.21 -5.13 15.51
CA LEU F 105 -31.93 -5.84 15.50
C LEU F 105 -30.78 -4.93 15.10
N GLY F 106 -30.99 -4.15 14.03
CA GLY F 106 -30.00 -3.20 13.57
C GLY F 106 -29.71 -2.15 14.62
N SER F 107 -30.73 -1.70 15.31
CA SER F 107 -30.58 -0.68 16.35
C SER F 107 -29.83 -1.25 17.55
N ALA F 108 -30.10 -2.52 17.85
CA ALA F 108 -29.41 -3.21 18.95
C ALA F 108 -27.92 -3.30 18.68
N ALA F 109 -27.57 -3.64 17.44
CA ALA F 109 -26.18 -3.72 17.02
C ALA F 109 -25.46 -2.39 17.23
N VAL F 110 -26.15 -1.30 16.94
CA VAL F 110 -25.60 0.03 17.15
C VAL F 110 -25.33 0.28 18.63
N LEU F 111 -26.29 -0.11 19.48
CA LEU F 111 -26.17 0.10 20.92
C LEU F 111 -24.92 -0.56 21.48
N ILE F 112 -24.66 -1.78 21.03
CA ILE F 112 -23.52 -2.55 21.48
C ILE F 112 -22.21 -1.94 20.97
N ALA F 113 -22.26 -1.30 19.81
CA ALA F 113 -21.11 -0.58 19.31
C ALA F 113 -20.81 0.63 20.21
N ILE F 114 -21.85 1.31 20.67
CA ILE F 114 -21.70 2.44 21.58
C ILE F 114 -21.14 1.97 22.92
N ILE F 115 -21.74 0.91 23.46
CA ILE F 115 -21.27 0.28 24.70
C ILE F 115 -19.80 -0.11 24.58
N ASP F 116 -19.45 -0.82 23.51
CA ASP F 116 -18.08 -1.27 23.28
C ASP F 116 -17.12 -0.07 23.23
N ALA F 117 -17.63 1.06 22.74
CA ALA F 117 -16.82 2.28 22.64
C ALA F 117 -16.58 2.92 24.00
N VAL F 118 -17.66 3.08 24.76
CA VAL F 118 -17.59 3.66 26.10
C VAL F 118 -16.69 2.81 27.00
N ILE F 119 -16.84 1.49 26.92
CA ILE F 119 -15.97 0.58 27.64
C ILE F 119 -14.52 0.80 27.22
N THR F 120 -14.28 0.82 25.91
CA THR F 120 -12.94 1.03 25.35
C THR F 120 -12.31 2.31 25.91
N TRP F 121 -13.09 3.39 25.89
CA TRP F 121 -12.63 4.66 26.43
C TRP F 121 -12.52 4.62 27.95
N ALA F 122 -13.39 3.85 28.59
CA ALA F 122 -13.33 3.68 30.04
C ALA F 122 -12.02 3.00 30.43
N ILE F 123 -11.86 1.76 29.99
CA ILE F 123 -10.68 0.95 30.31
C ILE F 123 -9.36 1.70 30.13
N LEU F 124 -9.20 2.34 28.97
CA LEU F 124 -7.97 3.03 28.65
C LEU F 124 -7.79 4.29 29.48
N LEU F 125 -8.75 5.22 29.38
CA LEU F 125 -8.63 6.52 30.04
C LEU F 125 -8.56 6.39 31.56
N TRP F 126 -9.18 5.36 32.11
CA TRP F 126 -9.16 5.16 33.56
C TRP F 126 -7.77 4.77 34.05
N SER F 127 -7.20 3.75 33.42
CA SER F 127 -5.89 3.24 33.84
C SER F 127 -4.80 4.30 33.68
N HIS F 128 -4.74 4.90 32.50
CA HIS F 128 -3.73 5.92 32.22
C HIS F 128 -3.87 7.14 33.12
N PHE F 129 -5.08 7.66 33.23
CA PHE F 129 -5.30 8.91 33.97
C PHE F 129 -5.93 8.66 35.34
N GLY F 130 -5.53 7.57 35.99
CA GLY F 130 -6.06 7.23 37.30
C GLY F 130 -4.97 6.97 38.32
O21 78M G . -4.29 22.80 -18.97
C20 78M G . -5.10 22.14 -19.93
C18 78M G . -4.23 21.68 -21.08
O19 78M G . -4.85 20.59 -21.75
C17 78M G . -2.86 21.24 -20.57
O2 78M G . -1.91 22.31 -20.76
C1 78M G . -1.04 22.49 -19.67
O1 78M G . -0.96 21.64 -18.82
C2 78M G . -0.20 23.77 -19.56
C3 78M G . -0.79 24.81 -18.59
C4 78M G . 0.13 25.07 -17.36
C5 78M G . 0.11 23.89 -16.39
C6 78M G . 1.42 23.05 -16.45
C7 78M G . 1.93 22.68 -15.05
C8 78M G . 1.74 23.57 -14.00
C9 78M G . 2.23 23.25 -12.61
C10 78M G . 3.74 23.64 -12.40
C11 78M G . 4.23 24.70 -13.38
C12 78M G . 4.86 25.91 -12.68
C13 78M G . 5.25 27.02 -13.66
C15 78M G . 6.32 28.31 -11.77
C14 78M G . 5.40 28.36 -12.98
O21 78M H . -0.03 21.27 -29.90
C20 78M H . 0.42 19.92 -30.01
C18 78M H . 1.61 19.69 -29.10
O19 78M H . 1.70 20.72 -28.13
C17 78M H . 2.88 19.64 -29.95
O2 78M H . 3.56 18.40 -29.70
C1 78M H . 4.97 18.49 -29.73
O1 78M H . 5.53 19.29 -29.02
C2 78M H . 5.78 17.59 -30.66
C3 78M H . 7.29 17.86 -30.61
C4 78M H . 8.02 17.08 -29.48
C5 78M H . 9.54 17.04 -29.68
C6 78M H . 10.30 17.30 -28.36
C7 78M H . 10.93 16.04 -27.73
C8 78M H . 12.33 15.93 -27.62
C9 78M H . 13.23 17.05 -28.13
C10 78M H . 14.31 17.42 -27.06
C11 78M H . 15.21 16.24 -26.72
C12 78M H . 15.76 15.54 -27.98
C13 78M H . 16.42 14.21 -27.66
C15 78M H . 18.73 13.46 -28.30
C14 78M H . 17.31 13.73 -28.77
O21 78M I . 32.46 -8.18 -20.79
C20 78M I . 32.35 -7.07 -19.89
C18 78M I . 31.10 -6.26 -20.21
O19 78M I . 30.34 -6.04 -19.05
C17 78M I . 30.20 -6.97 -21.23
O2 78M I . 28.95 -7.34 -20.59
C1 78M I . 27.88 -6.43 -20.84
O1 78M I . 28.09 -5.25 -20.98
C2 78M I . 26.44 -6.94 -20.91
C3 78M I . 25.43 -5.81 -20.59
C4 78M I . 24.49 -5.52 -21.80
C5 78M I . 23.06 -5.24 -21.34
C6 78M I . 22.04 -6.11 -22.13
C7 78M I . 20.60 -5.99 -21.61
C8 78M I . 19.53 -5.97 -22.51
C9 78M I . 19.81 -6.05 -23.98
C10 78M I . 20.13 -4.67 -24.69
C11 78M I . 21.16 -4.82 -25.80
C12 78M I . 20.63 -4.52 -27.21
C13 78M I . 21.24 -5.43 -28.28
C15 78M I . 19.17 -6.13 -29.52
C14 78M I . 20.48 -5.37 -29.58
O21 78M J . 26.68 28.01 -13.12
C20 78M J . 25.88 27.29 -12.19
C18 78M J . 25.43 26.00 -12.84
O19 78M J . 24.81 26.28 -14.09
C17 78M J . 24.47 25.25 -11.94
O2 78M J . 23.67 24.35 -12.75
C1 78M J . 22.82 23.50 -12.01
O1 78M J . 23.10 23.21 -10.87
C2 78M J . 21.55 22.92 -12.63
C3 78M J . 21.39 21.41 -12.31
C4 78M J . 20.08 20.79 -12.90
C5 78M J . 20.35 19.72 -13.96
C6 78M J . 19.05 18.95 -14.33
C7 78M J . 18.35 18.46 -13.07
C8 78M J . 17.30 17.54 -13.13
C9 78M J . 16.84 17.04 -14.48
C10 78M J . 15.30 17.30 -14.65
C11 78M J . 14.85 18.50 -13.81
C12 78M J . 13.32 18.59 -13.73
C13 78M J . 12.70 17.60 -12.75
C15 78M J . 10.66 18.02 -14.18
C14 78M J . 11.20 17.54 -12.85
O21 78M K . -6.08 18.69 -17.68
C20 78M K . -5.11 19.63 -17.28
C18 78M K . -3.74 19.15 -17.69
O19 78M K . -3.86 17.83 -18.18
C17 78M K . -2.77 19.21 -16.52
O2 78M K . -1.41 19.44 -17.00
C1 78M K . -0.45 19.63 -15.98
O1 78M K . -0.65 20.44 -15.11
C2 78M K . 0.85 18.83 -15.96
C3 78M K . 1.74 19.24 -14.77
C4 78M K . 3.27 19.02 -15.05
C5 78M K . 4.11 18.99 -13.75
C6 78M K . 5.63 18.99 -14.03
C7 78M K . 6.15 20.39 -14.38
C8 78M K . 7.29 20.91 -13.77
C9 78M K . 8.02 20.07 -12.75
C10 78M K . 8.92 20.92 -11.78
C11 78M K . 10.43 20.83 -12.03
C12 78M K . 11.28 20.38 -10.84
C13 78M K . 12.79 20.63 -10.96
C15 78M K . 15.09 19.71 -10.36
C14 78M K . 13.63 19.80 -10.01
O21 78M L . 19.44 10.85 0.69
C20 78M L . 20.06 11.85 -0.11
C18 78M L . 19.01 12.54 -0.96
O19 78M L . 19.61 13.46 -1.86
C17 78M L . 17.99 13.25 -0.09
O2 78M L . 17.13 14.05 -0.94
C1 78M L . 16.46 15.10 -0.27
O1 78M L . 17.10 15.98 0.26
C2 78M L . 14.94 15.12 -0.19
C3 78M L . 14.37 16.56 -0.25
C4 78M L . 12.82 16.56 -0.14
C5 78M L . 12.23 17.84 -0.73
C6 78M L . 11.55 17.59 -2.10
C7 78M L . 10.03 17.57 -1.94
C8 78M L . 9.25 18.22 -2.88
C9 78M L . 9.91 18.94 -4.03
C10 78M L . 8.83 19.37 -5.06
C11 78M L . 8.93 18.60 -6.39
C12 78M L . 7.72 18.86 -7.31
C13 78M L . 8.07 19.72 -8.53
C15 78M L . 7.94 22.19 -8.46
C14 78M L . 8.82 20.99 -8.19
O21 78M M . -7.80 20.45 -14.51
C20 78M M . -7.06 20.11 -13.35
C18 78M M . -5.72 19.53 -13.78
O19 78M M . -5.77 18.11 -13.75
C17 78M M . -4.61 20.01 -12.86
O2 78M M . -3.32 19.74 -13.46
C1 78M M . -2.73 18.51 -13.12
O1 78M M . -3.38 17.48 -13.16
C2 78M M . -1.26 18.44 -12.70
C3 78M M . -0.89 19.54 -11.67
C4 78M M . 0.15 19.01 -10.63
C5 78M M . 1.60 19.15 -11.09
C6 78M M . 2.48 19.85 -10.02
C7 78M M . 3.85 19.18 -9.84
C8 78M M . 4.58 19.34 -8.67
C9 78M M . 4.05 20.17 -7.51
C10 78M M . 3.25 19.33 -6.46
C11 78M M . 3.27 19.97 -5.07
C12 78M M . 2.73 19.07 -3.94
C13 78M M . 1.23 19.24 -3.69
C15 78M M . -0.73 18.31 -2.41
C14 78M M . 0.74 18.62 -2.39
O21 78M N . 17.46 11.74 2.65
C20 78M N . 16.60 10.61 2.78
C18 78M N . 15.18 11.04 2.49
O19 78M N . 14.42 11.09 3.68
C17 78M N . 14.52 10.08 1.51
O2 78M N . 13.50 9.32 2.19
C1 78M N . 12.21 9.38 1.64
O1 78M N . 11.53 10.38 1.79
C2 78M N . 11.65 8.18 0.86
C3 78M N . 10.11 8.24 0.74
C4 78M N . 9.64 9.10 -0.48
C5 78M N . 8.11 9.12 -0.58
C6 78M N . 7.59 10.26 -1.49
C7 78M N . 6.91 9.72 -2.74
C8 78M N . 5.60 10.08 -3.05
C9 78M N . 4.86 11.01 -2.12
C10 78M N . 3.46 11.39 -2.70
C11 78M N . 2.54 11.93 -1.61
C12 78M N . 1.33 12.67 -2.20
C13 78M N . 1.75 13.71 -3.24
C15 78M N . 1.12 15.76 -4.56
C14 78M N . 0.65 14.68 -3.61
O21 78M O . -6.21 -5.20 -9.80
C20 78M O . -6.01 -5.77 -8.50
C18 78M O . -5.99 -4.67 -7.47
O19 78M O . -5.52 -3.49 -8.06
C17 78M O . -5.12 -5.10 -6.30
O2 78M O . -4.55 -3.92 -5.66
C1 78M O . -3.39 -4.18 -4.89
O1 78M O . -3.47 -4.57 -3.75
C2 78M O . -1.99 -3.96 -5.49
C3 78M O . -0.83 -4.75 -4.81
C4 78M O . -0.97 -6.29 -5.05
C5 78M O . 0.36 -6.97 -5.41
C6 78M O . 0.32 -8.52 -5.25
C7 78M O . -0.93 -8.99 -4.50
C8 78M O . -0.87 -9.57 -3.23
C9 78M O . 0.46 -9.72 -2.52
C10 78M O . 0.75 -11.21 -2.10
C11 78M O . 2.01 -11.30 -1.21
C12 78M O . 3.24 -10.66 -1.91
C13 78M O . 4.33 -11.70 -2.24
C15 78M O . 5.34 -13.89 -1.53
C14 78M O . 4.58 -12.65 -1.10
O21 78M P . -14.73 1.89 -1.70
C20 78M P . -13.73 2.87 -1.47
C18 78M P . -12.61 2.60 -2.45
O19 78M P . -12.46 1.20 -2.62
C17 78M P . -11.29 3.22 -1.95
O2 78M P . -11.57 4.29 -1.00
C1 78M P . -10.52 5.22 -0.81
O1 78M P . -10.18 5.92 -1.73
C2 78M P . -9.83 5.35 0.55
C3 78M P . -8.36 5.81 0.40
C4 78M P . -7.68 6.16 1.76
C5 78M P . -8.05 7.56 2.28
C6 78M P . -6.84 8.27 2.96
C7 78M P . -5.78 8.67 1.95
C8 78M P . -4.53 9.12 2.36
C9 78M P . -4.21 9.22 3.83
C10 78M P . -2.92 10.07 4.10
C11 78M P . -2.03 9.47 5.19
C12 78M P . -2.73 9.45 6.56
C13 78M P . -2.33 10.65 7.42
C15 78M P . -2.49 11.76 9.67
C14 78M P . -2.75 10.51 8.86
O21 78M Q . 13.65 -14.34 -10.50
C20 78M Q . 13.23 -13.16 -11.15
C18 78M Q . 11.72 -13.20 -11.30
O19 78M Q . 11.13 -13.50 -10.05
C17 78M Q . 11.31 -14.26 -12.32
O2 78M Q . 10.67 -13.60 -13.44
C1 78M Q . 11.12 -14.06 -14.69
O1 78M Q . 12.05 -14.84 -14.75
C2 78M Q . 10.45 -13.60 -15.98
C3 78M Q . 11.26 -14.03 -17.24
C4 78M Q . 10.51 -15.10 -18.08
C5 78M Q . 9.06 -14.66 -18.37
C6 78M Q . 8.08 -15.86 -18.43
C7 78M Q . 8.56 -16.99 -19.32
C8 78M Q . 7.66 -17.96 -19.76
C9 78M Q . 6.22 -17.90 -19.33
C10 78M Q . 5.27 -18.74 -20.26
C11 78M Q . 3.80 -18.57 -19.88
C12 78M Q . 2.89 -18.46 -21.12
C13 78M Q . 2.24 -17.07 -21.26
C15 78M Q . 0.85 -17.26 -23.34
C14 78M Q . 2.07 -16.65 -22.70
O21 78M R . 19.28 -16.96 -10.54
C20 78M R . 18.22 -16.57 -11.41
C18 78M R . 18.05 -15.07 -11.28
O19 78M R . 17.10 -14.74 -10.29
C17 78M R . 17.63 -14.50 -12.62
O2 78M R . 16.30 -13.95 -12.46
C1 78M R . 16.12 -12.68 -13.05
O1 78M R . 16.82 -11.74 -12.69
C2 78M R . 15.06 -12.47 -14.15
C3 78M R . 14.59 -11.00 -14.22
C4 78M R . 13.23 -10.86 -14.99
C5 78M R . 12.53 -9.51 -14.75
C6 78M R . 10.98 -9.65 -14.76
C7 78M R . 10.47 -10.40 -13.52
C8 78M R . 9.12 -10.73 -13.41
C9 78M R . 8.17 -10.36 -14.52
C10 78M R . 6.93 -11.30 -14.52
C11 78M R . 6.58 -11.79 -15.94
C12 78M R . 5.78 -13.10 -15.94
C13 78M R . 5.39 -13.56 -17.34
C15 78M R . 2.93 -14.17 -17.12
C14 78M R . 4.36 -14.67 -17.32
O21 78M S . 9.26 -13.95 11.10
C20 78M S . 9.66 -13.06 12.14
C18 78M S . 8.62 -11.95 12.22
O19 78M S . 8.97 -11.04 13.26
C17 78M S . 7.24 -12.55 12.49
O2 78M S . 7.18 -13.07 13.84
C1 78M S . 5.92 -13.61 14.18
O1 78M S . 5.48 -13.49 15.30
C2 78M S . 5.10 -14.38 13.14
C3 78M S . 3.62 -14.52 13.57
C4 78M S . 2.65 -13.84 12.55
C5 78M S . 1.20 -14.23 12.83
C6 78M S . 0.33 -14.21 11.53
C7 78M S . -0.95 -13.37 11.68
C8 78M S . -2.08 -13.67 10.93
C9 78M S . -2.10 -14.83 9.96
C10 78M S . -3.54 -15.42 9.78
C11 78M S . -3.59 -16.49 8.67
C12 78M S . -4.70 -17.52 8.89
C13 78M S . -4.16 -18.94 9.06
C15 78M S . -1.91 -19.32 10.12
C14 78M S . -3.39 -19.11 10.35
O21 78M T . -12.51 -18.12 -9.23
C20 78M T . -11.65 -18.57 -8.19
C18 78M T . -11.88 -17.72 -6.96
O19 78M T . -10.79 -16.84 -6.82
C17 78M T . -12.00 -18.55 -5.67
O2 78M T . -11.16 -17.96 -4.65
C1 78M T . -11.84 -17.40 -3.53
O1 78M T . -13.00 -17.67 -3.34
C2 78M T . -11.14 -16.46 -2.53
C3 78M T . -12.18 -15.73 -1.63
C4 78M T . -11.85 -15.71 -0.11
C5 78M T . -11.23 -14.36 0.34
C6 78M T . -10.83 -14.33 1.85
C7 78M T . -11.87 -15.01 2.75
C8 78M T . -11.50 -15.73 3.92
C9 78M T . -10.08 -15.88 4.37
C10 78M T . -9.99 -16.52 5.80
C11 78M T . -9.50 -15.53 6.86
C12 78M T . -7.97 -15.44 6.98
C13 78M T . -7.48 -14.00 7.08
C15 78M T . -5.88 -12.95 8.72
C14 78M T . -6.05 -13.89 7.55
O21 78M U . 14.18 -7.29 10.81
C20 78M U . 13.55 -7.22 9.54
C18 78M U . 12.08 -7.55 9.72
O19 78M U . 11.70 -8.53 8.76
C17 78M U . 11.23 -6.30 9.51
O2 78M U . 12.04 -5.14 9.81
C1 78M U . 11.30 -3.93 9.83
O1 78M U . 10.29 -3.87 10.49
C2 78M U . 11.78 -2.72 9.03
C3 78M U . 10.61 -1.81 8.57
C4 78M U . 11.09 -0.69 7.59
C5 78M U . 10.09 -0.51 6.43
C6 78M U . 10.16 -1.69 5.43
C7 78M U . 11.48 -1.75 4.67
C8 78M U . 11.50 -1.64 3.28
C9 78M U . 10.21 -1.48 2.55
C10 78M U . 10.41 -1.27 1.00
C11 78M U . 9.10 -1.33 0.22
C12 78M U . 8.40 -2.68 0.39
C13 78M U . 6.95 -2.67 -0.14
C15 78M U . 5.17 -4.08 -1.19
C14 78M U . 6.40 -4.06 -0.32
O21 78M V . -9.75 -6.18 -9.73
C20 78M V . -8.95 -7.28 -10.15
C18 78M V . -8.79 -8.21 -8.97
O19 78M V . -8.68 -7.44 -7.80
C17 78M V . -7.54 -9.05 -9.14
O2 78M V . -7.28 -9.76 -7.89
C1 78M V . -7.33 -11.16 -8.02
O1 78M V . -8.22 -11.66 -8.66
C2 78M V . -6.28 -12.05 -7.34
C3 78M V . -6.51 -13.54 -7.69
C4 78M V . -5.67 -14.51 -6.81
C5 78M V . -6.44 -15.04 -5.60
C6 78M V . -5.78 -16.30 -4.96
C7 78M V . -5.63 -17.45 -5.94
C8 78M V . -4.51 -18.28 -5.88
C9 78M V . -3.46 -18.05 -4.84
C10 78M V . -2.05 -18.50 -5.34
C11 78M V . -0.94 -17.59 -4.84
C12 78M V . -0.56 -17.86 -3.37
C13 78M V . 0.88 -17.46 -3.07
C15 78M V . 1.70 -15.38 -1.93
C14 78M V . 1.12 -15.97 -3.19
#